data_8INH
#
_entry.id   8INH
#
_cell.length_a   61.730
_cell.length_b   84.810
_cell.length_c   103.630
_cell.angle_alpha   90.00
_cell.angle_beta   93.33
_cell.angle_gamma   90.00
#
_symmetry.space_group_name_H-M   'P 1 21 1'
#
loop_
_entity.id
_entity.type
_entity.pdbx_description
1 polymer Glycosyltransferase
2 non-polymer "URIDINE-5'-DIPHOSPHATE"
3 water water
#
_entity_poly.entity_id   1
_entity_poly.type   'polypeptide(L)'
_entity_poly.pdbx_seq_one_letter_code
;MGLQPPIHLFLVCFPAQGHINPMLRLAKRLAAKGLLITFSTTEHAGKDIRQANNIIDDQLTPVGNGFIRFEFFEDDCIED
DPKRRDLDFYVPQLELKGKEFLPETIKRHEKEGRPVFCFVNNPFIPWVCDVAEDLGIPCATLWIQSCAVFSCYYHYFHKT
VPFPSELDPSVDVQLPNLPLLEYDEIPSFLHPSSPYKILGTAILGQFKNLSKSFCVLADTFDELEHEIIEGMSKFCKVKT
VGPLFKNPKASVSNIRGDMLKADDCLDWLDSKSPGSVVYISFGTIAYIKQEQVEEIAYGLLNSGVSFLWVMKPPDVAFGY
DLHVLPDGFMEKIGTRGKIVQWCPQEQVLAHPSVACFLTHCGWNSTVEALTSGVPVLAYPQWGDQVTNAKFLVDVYGVGV
RLCRGEAENKVIPRDVIGKALVEATVGKRAVELKENATRWKKAAEEAVAEGGSSDRNIQDFVEEIRKRSGLYNSKPAAT
;
_entity_poly.pdbx_strand_id   B,A
#
loop_
_chem_comp.id
_chem_comp.type
_chem_comp.name
_chem_comp.formula
UDP RNA linking URIDINE-5'-DIPHOSPHATE 'C9 H14 N2 O12 P2'
#
# COMPACT_ATOMS: atom_id res chain seq x y z
N PRO A 6 7.61 -16.72 19.36
CA PRO A 6 8.97 -16.31 19.67
C PRO A 6 9.20 -14.81 19.47
N ILE A 7 8.34 -14.19 18.66
CA ILE A 7 8.46 -12.76 18.38
C ILE A 7 8.01 -11.97 19.60
N HIS A 8 8.85 -11.03 20.03
CA HIS A 8 8.60 -10.24 21.24
C HIS A 8 8.40 -8.79 20.84
N LEU A 9 7.26 -8.22 21.24
CA LEU A 9 6.90 -6.84 20.95
C LEU A 9 6.83 -6.04 22.24
N PHE A 10 7.40 -4.83 22.22
CA PHE A 10 7.46 -3.97 23.40
C PHE A 10 6.50 -2.80 23.17
N LEU A 11 5.38 -2.80 23.90
CA LEU A 11 4.36 -1.77 23.78
C LEU A 11 4.53 -0.77 24.91
N VAL A 12 4.65 0.51 24.56
CA VAL A 12 4.79 1.59 25.54
C VAL A 12 3.56 2.48 25.42
N CYS A 13 3.05 2.92 26.58
CA CYS A 13 1.77 3.60 26.62
C CYS A 13 1.84 4.79 27.57
N PHE A 14 1.11 5.84 27.20
CA PHE A 14 0.98 7.02 28.05
C PHE A 14 0.14 6.68 29.28
N PRO A 15 0.53 7.16 30.46
CA PRO A 15 -0.21 6.81 31.68
C PRO A 15 -1.56 7.50 31.82
N ALA A 16 -2.54 7.07 31.02
CA ALA A 16 -3.91 7.56 31.16
C ALA A 16 -4.86 6.40 30.87
N GLN A 17 -6.02 6.43 31.54
CA GLN A 17 -6.99 5.37 31.36
C GLN A 17 -7.45 5.26 29.91
N GLY A 18 -7.75 6.41 29.29
CA GLY A 18 -8.16 6.41 27.89
C GLY A 18 -7.09 5.95 26.92
N HIS A 19 -5.83 5.94 27.35
CA HIS A 19 -4.73 5.43 26.54
C HIS A 19 -4.35 4.00 26.89
N ILE A 20 -4.52 3.60 28.14
CA ILE A 20 -4.06 2.27 28.57
C ILE A 20 -5.01 1.19 28.06
N ASN A 21 -6.31 1.43 28.16
CA ASN A 21 -7.28 0.39 27.77
C ASN A 21 -7.22 0.05 26.29
N PRO A 22 -7.18 1.00 25.35
CA PRO A 22 -7.07 0.60 23.94
C PRO A 22 -5.75 -0.10 23.62
N MET A 23 -4.64 0.38 24.18
CA MET A 23 -3.36 -0.30 23.94
C MET A 23 -3.37 -1.70 24.54
N LEU A 24 -4.10 -1.91 25.65
CA LEU A 24 -4.28 -3.26 26.18
C LEU A 24 -5.01 -4.15 25.18
N ARG A 25 -6.01 -3.60 24.49
CA ARG A 25 -6.70 -4.37 23.47
C ARG A 25 -5.77 -4.72 22.32
N LEU A 26 -4.87 -3.80 21.95
CA LEU A 26 -3.87 -4.14 20.94
C LEU A 26 -2.96 -5.25 21.43
N ALA A 27 -2.62 -5.24 22.71
CA ALA A 27 -1.78 -6.30 23.26
C ALA A 27 -2.48 -7.65 23.20
N LYS A 28 -3.77 -7.68 23.49
CA LYS A 28 -4.51 -8.94 23.45
C LYS A 28 -4.67 -9.45 22.02
N ARG A 29 -4.91 -8.56 21.06
CA ARG A 29 -5.03 -8.97 19.67
C ARG A 29 -3.69 -9.42 19.11
N LEU A 30 -2.59 -8.81 19.54
CA LEU A 30 -1.27 -9.19 19.04
C LEU A 30 -0.77 -10.46 19.70
N ALA A 31 -1.02 -10.63 21.00
CA ALA A 31 -0.55 -11.82 21.70
C ALA A 31 -1.28 -13.07 21.21
N ALA A 32 -2.53 -12.94 20.78
CA ALA A 32 -3.31 -14.10 20.35
C ALA A 32 -2.73 -14.75 19.11
N LYS A 33 -1.84 -14.05 18.38
CA LYS A 33 -1.22 -14.59 17.18
C LYS A 33 0.11 -15.29 17.48
N GLY A 34 0.31 -15.73 18.71
CA GLY A 34 1.56 -16.40 19.07
C GLY A 34 2.72 -15.48 19.31
N LEU A 35 2.49 -14.33 19.95
CA LEU A 35 3.51 -13.32 20.17
C LEU A 35 3.67 -13.06 21.66
N LEU A 36 4.88 -12.67 22.06
CA LEU A 36 5.15 -12.23 23.42
C LEU A 36 5.03 -10.71 23.45
N ILE A 37 4.08 -10.20 24.21
CA ILE A 37 3.79 -8.77 24.26
C ILE A 37 4.14 -8.25 25.64
N THR A 38 5.03 -7.27 25.70
CA THR A 38 5.35 -6.55 26.93
C THR A 38 4.62 -5.22 26.93
N PHE A 39 3.77 -5.00 27.93
CA PHE A 39 3.04 -3.75 28.08
C PHE A 39 3.77 -2.88 29.11
N SER A 40 4.10 -1.66 28.71
CA SER A 40 4.93 -0.78 29.52
C SER A 40 4.25 0.57 29.73
N THR A 41 4.29 1.05 30.96
CA THR A 41 3.85 2.38 31.34
C THR A 41 4.47 2.71 32.69
N THR A 42 4.17 3.89 33.21
CA THR A 42 4.74 4.29 34.49
C THR A 42 4.16 3.45 35.62
N GLU A 43 4.83 3.50 36.77
CA GLU A 43 4.42 2.68 37.91
C GLU A 43 3.11 3.18 38.51
N HIS A 44 2.89 4.50 38.52
CA HIS A 44 1.66 5.03 39.11
C HIS A 44 0.44 4.60 38.31
N ALA A 45 0.58 4.42 37.00
CA ALA A 45 -0.51 3.90 36.18
C ALA A 45 -0.49 2.38 36.09
N GLY A 46 0.67 1.76 36.15
CA GLY A 46 0.75 0.31 36.05
C GLY A 46 0.21 -0.41 37.28
N LYS A 47 0.29 0.23 38.45
CA LYS A 47 -0.25 -0.39 39.65
C LYS A 47 -1.76 -0.57 39.56
N ASP A 48 -2.44 0.27 38.78
CA ASP A 48 -3.86 0.07 38.55
C ASP A 48 -4.11 -1.22 37.79
N ILE A 49 -3.21 -1.57 36.86
CA ILE A 49 -3.36 -2.80 36.10
C ILE A 49 -3.00 -4.00 36.97
N ARG A 50 -2.12 -3.82 37.95
CA ARG A 50 -1.71 -4.93 38.81
C ARG A 50 -2.86 -5.41 39.67
N GLN A 51 -3.52 -4.50 40.39
CA GLN A 51 -4.63 -4.87 41.24
C GLN A 51 -5.91 -5.15 40.46
N ALA A 52 -6.01 -4.67 39.22
CA ALA A 52 -7.17 -5.02 38.40
C ALA A 52 -7.15 -6.50 38.05
N ASN A 53 -5.99 -7.02 37.67
CA ASN A 53 -5.83 -8.45 37.42
C ASN A 53 -5.13 -9.11 38.60
N ASN A 54 -4.34 -10.15 38.34
CA ASN A 54 -3.64 -10.89 39.37
C ASN A 54 -2.15 -10.98 39.05
N ILE A 55 -1.57 -9.87 38.59
CA ILE A 55 -0.14 -9.81 38.27
C ILE A 55 0.51 -8.81 39.21
N ILE A 56 1.60 -9.21 39.85
CA ILE A 56 2.31 -8.35 40.80
C ILE A 56 3.77 -8.24 40.40
N ASP A 57 4.17 -9.01 39.39
CA ASP A 57 5.52 -8.92 38.84
C ASP A 57 5.48 -8.96 37.32
N ASP A 58 6.43 -9.67 36.71
CA ASP A 58 6.47 -9.84 35.26
C ASP A 58 6.09 -11.26 34.86
N GLN A 59 5.21 -11.91 35.63
CA GLN A 59 4.80 -13.27 35.29
C GLN A 59 4.03 -13.27 33.97
N LEU A 60 4.33 -14.27 33.15
CA LEU A 60 3.70 -14.37 31.83
C LEU A 60 2.24 -14.73 31.98
N THR A 61 1.36 -13.86 31.50
CA THR A 61 -0.07 -14.12 31.48
C THR A 61 -0.46 -14.64 30.10
N PRO A 62 -0.93 -15.88 29.97
CA PRO A 62 -1.21 -16.42 28.63
C PRO A 62 -2.45 -15.78 28.02
N VAL A 63 -2.33 -15.40 26.76
CA VAL A 63 -3.44 -14.82 25.99
C VAL A 63 -3.47 -15.55 24.66
N GLY A 64 -4.27 -16.62 24.59
CA GLY A 64 -4.39 -17.37 23.35
C GLY A 64 -3.11 -18.13 23.06
N ASN A 65 -2.59 -17.96 21.84
CA ASN A 65 -1.36 -18.60 21.43
C ASN A 65 -0.12 -17.86 21.91
N GLY A 66 -0.28 -16.77 22.66
CA GLY A 66 0.85 -16.01 23.15
C GLY A 66 0.72 -15.60 24.60
N PHE A 67 1.53 -14.63 25.02
CA PHE A 67 1.59 -14.23 26.41
C PHE A 67 1.66 -12.71 26.51
N ILE A 68 1.34 -12.20 27.70
CA ILE A 68 1.40 -10.77 27.98
C ILE A 68 2.04 -10.57 29.35
N ARG A 69 3.14 -9.82 29.38
CA ARG A 69 3.83 -9.48 30.61
C ARG A 69 3.92 -7.95 30.74
N PHE A 70 4.08 -7.50 31.98
CA PHE A 70 4.07 -6.07 32.29
C PHE A 70 5.42 -5.62 32.82
N GLU A 71 5.74 -4.36 32.57
CA GLU A 71 7.04 -3.80 32.93
C GLU A 71 6.85 -2.29 33.11
N PHE A 72 7.02 -1.81 34.34
CA PHE A 72 6.73 -0.43 34.68
C PHE A 72 7.98 0.30 35.15
N PHE A 73 8.12 1.56 34.72
CA PHE A 73 9.27 2.39 35.06
C PHE A 73 8.81 3.61 35.83
N GLU A 74 9.63 4.05 36.79
CA GLU A 74 9.27 5.18 37.63
C GLU A 74 9.41 6.49 36.87
N ASP A 75 8.70 7.51 37.34
CA ASP A 75 8.75 8.85 36.76
C ASP A 75 9.27 9.88 37.73
N ASP A 76 9.83 9.46 38.87
CA ASP A 76 10.41 10.32 39.90
C ASP A 76 9.40 11.26 40.55
N CYS A 77 8.10 11.02 40.35
CA CYS A 77 7.06 11.79 41.02
C CYS A 77 6.55 11.02 42.23
N ILE A 78 6.00 11.75 43.19
CA ILE A 78 5.45 11.12 44.39
C ILE A 78 4.19 10.38 44.00
N GLU A 79 3.61 9.62 44.95
CA GLU A 79 2.55 8.66 44.61
C GLU A 79 1.36 9.37 43.96
N ASP A 80 0.86 10.43 44.57
CA ASP A 80 -0.26 11.18 43.99
C ASP A 80 0.18 12.59 43.64
N ASP A 81 1.22 12.71 42.83
CA ASP A 81 1.81 14.01 42.52
C ASP A 81 0.88 14.86 41.67
N PRO A 82 0.50 16.06 42.13
CA PRO A 82 -0.27 16.96 41.26
C PRO A 82 0.52 17.43 40.04
N LYS A 83 1.83 17.22 40.00
CA LYS A 83 2.62 17.65 38.86
C LYS A 83 2.22 16.91 37.60
N ARG A 84 1.72 15.68 37.74
CA ARG A 84 1.34 14.88 36.56
C ARG A 84 0.16 15.48 35.81
N ARG A 85 -0.64 16.34 36.46
CA ARG A 85 -1.82 16.90 35.81
C ARG A 85 -1.46 17.97 34.77
N ASP A 86 -0.23 18.49 34.81
CA ASP A 86 0.22 19.52 33.88
C ASP A 86 1.09 18.88 32.80
N LEU A 87 0.60 18.90 31.55
CA LEU A 87 1.31 18.21 30.48
C LEU A 87 2.58 18.94 30.08
N ASP A 88 2.63 20.26 30.26
CA ASP A 88 3.84 21.01 29.92
C ASP A 88 5.05 20.50 30.70
N PHE A 89 4.82 19.97 31.90
CA PHE A 89 5.90 19.37 32.67
C PHE A 89 5.99 17.86 32.45
N TYR A 90 4.86 17.16 32.46
CA TYR A 90 4.89 15.70 32.52
C TYR A 90 5.28 15.08 31.19
N VAL A 91 4.97 15.73 30.07
CA VAL A 91 5.33 15.19 28.76
C VAL A 91 6.85 15.15 28.62
N PRO A 92 7.59 16.25 28.91
CA PRO A 92 9.06 16.12 28.90
C PRO A 92 9.59 15.29 30.06
N GLN A 93 8.89 15.25 31.19
CA GLN A 93 9.34 14.40 32.29
C GLN A 93 9.27 12.93 31.92
N LEU A 94 8.23 12.53 31.20
CA LEU A 94 8.14 11.15 30.73
C LEU A 94 9.25 10.84 29.73
N GLU A 95 9.54 11.80 28.84
CA GLU A 95 10.64 11.63 27.90
C GLU A 95 11.97 11.49 28.63
N LEU A 96 12.15 12.24 29.73
CA LEU A 96 13.38 12.13 30.50
C LEU A 96 13.50 10.75 31.14
N LYS A 97 12.43 10.29 31.82
CA LYS A 97 12.47 9.01 32.49
C LYS A 97 12.27 7.84 31.56
N GLY A 98 11.71 8.06 30.37
CA GLY A 98 11.50 6.99 29.42
C GLY A 98 12.73 6.70 28.58
N LYS A 99 13.46 7.77 28.22
CA LYS A 99 14.67 7.60 27.43
C LYS A 99 15.79 6.91 28.19
N GLU A 100 15.74 6.89 29.52
CA GLU A 100 16.75 6.23 30.32
C GLU A 100 16.31 4.86 30.81
N PHE A 101 15.07 4.46 30.55
CA PHE A 101 14.59 3.13 30.91
C PHE A 101 14.53 2.18 29.72
N LEU A 102 14.19 2.69 28.53
CA LEU A 102 14.02 1.82 27.38
C LEU A 102 15.33 1.14 26.96
N PRO A 103 16.44 1.84 26.76
CA PRO A 103 17.65 1.14 26.28
C PRO A 103 18.18 0.09 27.24
N GLU A 104 18.04 0.29 28.55
CA GLU A 104 18.58 -0.67 29.49
C GLU A 104 17.75 -1.94 29.58
N THR A 105 16.48 -1.89 29.18
CA THR A 105 15.66 -3.09 29.18
C THR A 105 15.67 -3.81 27.84
N ILE A 106 16.06 -3.11 26.76
CA ILE A 106 16.23 -3.80 25.48
C ILE A 106 17.50 -4.63 25.49
N LYS A 107 18.58 -4.08 26.03
CA LYS A 107 19.84 -4.82 26.09
C LYS A 107 19.74 -6.03 27.01
N ARG A 108 18.95 -5.94 28.07
CA ARG A 108 18.78 -7.08 28.97
C ARG A 108 17.88 -8.15 28.36
N HIS A 109 16.85 -7.74 27.61
CA HIS A 109 15.99 -8.71 26.96
C HIS A 109 16.75 -9.48 25.88
N GLU A 110 17.67 -8.80 25.17
CA GLU A 110 18.53 -9.52 24.25
C GLU A 110 19.49 -10.43 24.98
N LYS A 111 19.89 -10.07 26.21
CA LYS A 111 20.75 -10.93 27.01
C LYS A 111 20.03 -12.19 27.44
N GLU A 112 18.74 -12.08 27.77
CA GLU A 112 17.96 -13.20 28.28
C GLU A 112 17.38 -14.07 27.18
N GLY A 113 17.70 -13.79 25.91
CA GLY A 113 17.26 -14.63 24.81
C GLY A 113 15.92 -14.26 24.20
N ARG A 114 15.24 -13.24 24.70
CA ARG A 114 13.96 -12.79 24.17
C ARG A 114 14.08 -11.33 23.71
N PRO A 115 14.76 -11.09 22.61
CA PRO A 115 14.95 -9.70 22.16
C PRO A 115 13.68 -9.12 21.57
N VAL A 116 13.62 -7.79 21.56
CA VAL A 116 12.44 -7.06 21.09
C VAL A 116 12.54 -6.90 19.57
N PHE A 117 11.45 -7.23 18.89
CA PHE A 117 11.39 -7.16 17.43
C PHE A 117 10.77 -5.88 16.91
N CYS A 118 9.93 -5.20 17.69
CA CYS A 118 9.25 -4.01 17.22
C CYS A 118 8.74 -3.22 18.43
N PHE A 119 8.65 -1.91 18.25
CA PHE A 119 8.09 -1.01 19.25
C PHE A 119 6.71 -0.55 18.80
N VAL A 120 5.81 -0.41 19.76
CA VAL A 120 4.50 0.20 19.54
C VAL A 120 4.30 1.23 20.63
N ASN A 121 4.08 2.49 20.25
CA ASN A 121 4.01 3.58 21.20
C ASN A 121 2.66 4.30 21.08
N ASN A 122 2.62 5.48 21.68
CA ASN A 122 1.48 6.39 21.78
C ASN A 122 1.88 7.75 21.24
N PRO A 123 0.96 8.49 20.60
CA PRO A 123 1.33 9.82 20.12
C PRO A 123 1.77 10.78 21.21
N PHE A 124 1.32 10.57 22.45
CA PHE A 124 1.73 11.40 23.57
C PHE A 124 3.13 11.10 24.07
N ILE A 125 3.76 10.04 23.58
CA ILE A 125 5.13 9.73 23.97
C ILE A 125 5.94 9.43 22.71
N PRO A 126 6.14 10.41 21.82
CA PRO A 126 6.85 10.13 20.56
C PRO A 126 8.33 9.87 20.74
N TRP A 127 8.88 10.03 21.95
CA TRP A 127 10.29 9.72 22.18
C TRP A 127 10.58 8.23 22.01
N VAL A 128 9.57 7.37 22.05
CA VAL A 128 9.78 5.95 21.81
C VAL A 128 10.27 5.73 20.38
N CYS A 129 9.73 6.48 19.43
CA CYS A 129 10.22 6.39 18.06
C CYS A 129 11.66 6.87 17.95
N ASP A 130 12.03 7.86 18.77
CA ASP A 130 13.41 8.33 18.79
C ASP A 130 14.33 7.26 19.37
N VAL A 131 13.87 6.54 20.39
CA VAL A 131 14.68 5.48 20.98
C VAL A 131 14.75 4.28 20.06
N ALA A 132 13.63 3.95 19.40
CA ALA A 132 13.60 2.82 18.48
C ALA A 132 14.61 2.98 17.35
N GLU A 133 14.77 4.22 16.86
CA GLU A 133 15.77 4.48 15.82
C GLU A 133 17.18 4.28 16.35
N ASP A 134 17.41 4.61 17.62
CA ASP A 134 18.74 4.48 18.20
C ASP A 134 19.16 3.01 18.27
N LEU A 135 18.28 2.15 18.76
CA LEU A 135 18.59 0.73 18.91
C LEU A 135 18.44 -0.05 17.62
N GLY A 136 17.98 0.58 16.55
CA GLY A 136 17.78 -0.14 15.30
C GLY A 136 16.58 -1.06 15.28
N ILE A 137 15.58 -0.77 16.10
CA ILE A 137 14.37 -1.59 16.20
C ILE A 137 13.22 -0.84 15.56
N PRO A 138 12.43 -1.47 14.68
CA PRO A 138 11.32 -0.76 14.06
C PRO A 138 10.27 -0.34 15.08
N CYS A 139 9.55 0.73 14.77
CA CYS A 139 8.53 1.28 15.65
C CYS A 139 7.24 1.52 14.87
N ALA A 140 6.12 1.39 15.58
CA ALA A 140 4.81 1.71 15.06
C ALA A 140 4.05 2.51 16.12
N THR A 141 3.06 3.28 15.68
CA THR A 141 2.32 4.17 16.56
C THR A 141 0.84 3.77 16.58
N LEU A 142 0.29 3.61 17.78
CA LEU A 142 -1.13 3.32 17.94
C LEU A 142 -1.92 4.63 18.00
N TRP A 143 -2.99 4.69 17.22
CA TRP A 143 -3.80 5.90 17.08
C TRP A 143 -5.25 5.55 17.39
N ILE A 144 -5.74 5.96 18.55
CA ILE A 144 -7.10 5.63 18.98
C ILE A 144 -8.04 6.79 18.66
N GLN A 145 -7.93 7.32 17.45
CA GLN A 145 -8.92 8.24 16.90
C GLN A 145 -9.20 7.81 15.48
N SER A 146 -10.21 8.40 14.87
CA SER A 146 -10.53 8.06 13.50
C SER A 146 -9.39 8.50 12.57
N CYS A 147 -9.28 7.81 11.43
CA CYS A 147 -8.32 8.23 10.43
C CYS A 147 -8.68 9.58 9.85
N ALA A 148 -9.98 9.92 9.85
CA ALA A 148 -10.41 11.25 9.44
C ALA A 148 -9.84 12.31 10.36
N VAL A 149 -9.75 12.02 11.66
CA VAL A 149 -9.13 12.95 12.59
C VAL A 149 -7.60 12.93 12.44
N PHE A 150 -7.03 11.75 12.18
CA PHE A 150 -5.60 11.68 11.88
C PHE A 150 -5.25 12.54 10.69
N SER A 151 -6.10 12.53 9.66
CA SER A 151 -5.91 13.41 8.52
C SER A 151 -6.00 14.89 8.92
N CYS A 152 -6.87 15.21 9.87
CA CYS A 152 -7.00 16.61 10.31
C CYS A 152 -5.69 17.09 10.94
N TYR A 153 -5.15 16.32 11.88
CA TYR A 153 -3.92 16.73 12.55
C TYR A 153 -2.74 16.76 11.60
N TYR A 154 -2.66 15.78 10.69
CA TYR A 154 -1.55 15.72 9.75
C TYR A 154 -1.52 16.95 8.85
N HIS A 155 -2.67 17.30 8.27
CA HIS A 155 -2.70 18.43 7.36
C HIS A 155 -2.60 19.76 8.10
N TYR A 156 -2.97 19.80 9.39
CA TYR A 156 -2.74 21.00 10.18
C TYR A 156 -1.26 21.19 10.45
N PHE A 157 -0.55 20.12 10.77
CA PHE A 157 0.89 20.22 11.06
C PHE A 157 1.68 20.58 9.82
N HIS A 158 1.27 20.07 8.66
CA HIS A 158 1.98 20.31 7.41
C HIS A 158 1.42 21.48 6.62
N LYS A 159 0.38 22.14 7.12
CA LYS A 159 -0.16 23.36 6.51
C LYS A 159 -0.61 23.11 5.07
N THR A 160 -1.18 21.93 4.82
CA THR A 160 -1.65 21.61 3.47
C THR A 160 -2.72 22.58 3.00
N VAL A 161 -3.65 22.93 3.88
CA VAL A 161 -4.69 23.91 3.56
C VAL A 161 -4.76 24.92 4.70
N PRO A 162 -5.33 26.10 4.45
CA PRO A 162 -5.52 27.07 5.54
C PRO A 162 -6.48 26.52 6.60
N PHE A 163 -6.09 26.68 7.85
CA PHE A 163 -6.86 26.26 9.00
C PHE A 163 -7.33 27.46 9.80
N PRO A 164 -8.32 27.30 10.69
CA PRO A 164 -8.74 28.42 11.54
C PRO A 164 -7.57 29.03 12.30
N SER A 165 -7.30 30.30 12.03
CA SER A 165 -6.24 31.06 12.68
C SER A 165 -6.84 32.18 13.50
N GLU A 166 -5.97 32.90 14.23
CA GLU A 166 -6.44 34.00 15.06
C GLU A 166 -7.07 35.11 14.23
N LEU A 167 -6.57 35.34 13.02
CA LEU A 167 -7.16 36.36 12.15
C LEU A 167 -8.36 35.82 11.39
N ASP A 168 -8.31 34.56 10.94
CA ASP A 168 -9.41 33.92 10.21
C ASP A 168 -9.86 32.71 11.02
N PRO A 169 -10.71 32.91 12.03
CA PRO A 169 -11.15 31.79 12.87
C PRO A 169 -12.38 31.04 12.37
N SER A 170 -13.06 31.54 11.34
CA SER A 170 -14.30 30.93 10.86
C SER A 170 -14.16 30.26 9.51
N VAL A 171 -12.94 30.09 9.01
CA VAL A 171 -12.74 29.53 7.68
C VAL A 171 -13.05 28.04 7.70
N ASP A 172 -13.61 27.53 6.59
CA ASP A 172 -13.82 26.11 6.46
C ASP A 172 -12.51 25.40 6.18
N VAL A 173 -12.53 24.08 6.34
CA VAL A 173 -11.37 23.23 6.05
C VAL A 173 -11.82 22.11 5.14
N GLN A 174 -11.26 22.06 3.94
CA GLN A 174 -11.57 21.01 2.97
C GLN A 174 -10.34 20.13 2.81
N LEU A 175 -10.41 18.92 3.35
CA LEU A 175 -9.34 17.95 3.26
C LEU A 175 -9.72 16.83 2.29
N PRO A 176 -8.74 16.17 1.66
CA PRO A 176 -9.08 15.14 0.68
C PRO A 176 -9.83 13.96 1.31
N ASN A 177 -10.84 13.49 0.59
CA ASN A 177 -11.65 12.33 0.99
C ASN A 177 -12.44 12.59 2.27
N LEU A 178 -12.66 13.85 2.62
CA LEU A 178 -13.42 14.23 3.79
C LEU A 178 -14.52 15.21 3.41
N PRO A 179 -15.63 15.21 4.13
CA PRO A 179 -16.65 16.24 3.92
C PRO A 179 -16.13 17.60 4.34
N LEU A 180 -16.82 18.64 3.86
CA LEU A 180 -16.45 20.00 4.22
C LEU A 180 -16.68 20.23 5.70
N LEU A 181 -15.63 20.61 6.41
CA LEU A 181 -15.68 20.83 7.84
C LEU A 181 -15.67 22.32 8.13
N GLU A 182 -16.64 22.76 8.94
CA GLU A 182 -16.65 24.14 9.40
C GLU A 182 -15.59 24.33 10.48
N TYR A 183 -15.43 25.58 10.93
CA TYR A 183 -14.35 25.89 11.87
C TYR A 183 -14.51 25.14 13.19
N ASP A 184 -15.74 24.89 13.61
CA ASP A 184 -15.97 24.17 14.86
C ASP A 184 -16.10 22.67 14.68
N GLU A 185 -15.93 22.17 13.46
CA GLU A 185 -16.03 20.75 13.19
C GLU A 185 -14.69 20.03 13.16
N ILE A 186 -13.60 20.76 12.95
CA ILE A 186 -12.26 20.17 13.05
C ILE A 186 -11.98 19.89 14.51
N PRO A 187 -11.01 19.02 14.87
CA PRO A 187 -10.73 18.79 16.28
C PRO A 187 -10.56 20.08 17.08
N SER A 188 -11.35 20.21 18.16
CA SER A 188 -11.46 21.50 18.83
C SER A 188 -10.13 21.97 19.40
N PHE A 189 -9.25 21.04 19.74
CA PHE A 189 -7.94 21.42 20.27
C PHE A 189 -7.11 22.21 19.27
N LEU A 190 -7.45 22.14 17.98
CA LEU A 190 -6.74 22.87 16.95
C LEU A 190 -7.34 24.25 16.67
N HIS A 191 -8.38 24.63 17.41
CA HIS A 191 -8.91 25.97 17.14
C HIS A 191 -8.18 27.01 17.99
N PRO A 192 -7.85 28.16 17.42
CA PRO A 192 -7.06 29.16 18.18
C PRO A 192 -7.79 29.74 19.38
N SER A 193 -9.11 29.58 19.49
CA SER A 193 -9.83 30.05 20.66
C SER A 193 -10.14 28.93 21.64
N SER A 194 -9.53 27.77 21.47
CA SER A 194 -9.79 26.63 22.34
C SER A 194 -9.03 26.78 23.65
N PRO A 195 -9.64 26.36 24.77
CA PRO A 195 -8.91 26.38 26.06
C PRO A 195 -8.04 25.16 26.29
N TYR A 196 -7.96 24.22 25.35
CA TYR A 196 -7.13 23.04 25.52
C TYR A 196 -6.11 22.93 24.40
N LYS A 197 -5.45 24.04 24.06
CA LYS A 197 -4.43 24.01 23.02
C LYS A 197 -3.29 23.08 23.39
N ILE A 198 -2.98 22.95 24.68
CA ILE A 198 -1.87 22.11 25.11
C ILE A 198 -2.10 20.65 24.73
N LEU A 199 -3.36 20.21 24.74
CA LEU A 199 -3.66 18.84 24.30
C LEU A 199 -3.39 18.70 22.80
N GLY A 200 -3.69 19.74 22.02
CA GLY A 200 -3.37 19.69 20.60
C GLY A 200 -1.88 19.65 20.36
N THR A 201 -1.12 20.47 21.09
CA THR A 201 0.34 20.45 20.98
C THR A 201 0.91 19.09 21.38
N ALA A 202 0.26 18.41 22.32
CA ALA A 202 0.74 17.09 22.74
C ALA A 202 0.54 16.06 21.64
N ILE A 203 -0.57 16.13 20.91
CA ILE A 203 -0.80 15.21 19.81
C ILE A 203 0.11 15.54 18.64
N LEU A 204 0.30 16.84 18.37
CA LEU A 204 1.10 17.26 17.22
C LEU A 204 2.58 16.94 17.38
N GLY A 205 3.04 16.60 18.59
CA GLY A 205 4.43 16.21 18.76
C GLY A 205 4.79 14.93 18.03
N GLN A 206 3.81 14.05 17.84
CA GLN A 206 4.07 12.81 17.11
C GLN A 206 4.30 13.06 15.62
N PHE A 207 3.80 14.17 15.08
CA PHE A 207 3.96 14.45 13.66
C PHE A 207 5.32 15.04 13.33
N LYS A 208 6.03 15.59 14.31
CA LYS A 208 7.44 15.93 14.10
C LYS A 208 8.30 14.68 13.99
N ASN A 209 7.76 13.53 14.40
CA ASN A 209 8.54 12.30 14.53
C ASN A 209 7.99 11.16 13.69
N LEU A 210 6.94 11.41 12.89
CA LEU A 210 6.19 10.34 12.26
C LEU A 210 7.03 9.49 11.33
N SER A 211 8.13 10.02 10.80
CA SER A 211 8.93 9.26 9.85
C SER A 211 9.57 8.04 10.50
N LYS A 212 9.80 8.08 11.81
CA LYS A 212 10.46 6.99 12.51
C LYS A 212 9.51 5.84 12.84
N SER A 213 8.26 5.90 12.39
CA SER A 213 7.31 4.81 12.55
C SER A 213 6.88 4.36 11.17
N PHE A 214 7.17 3.09 10.84
CA PHE A 214 6.89 2.60 9.49
C PHE A 214 5.40 2.45 9.20
N CYS A 215 4.57 2.43 10.24
CA CYS A 215 3.13 2.36 10.04
C CYS A 215 2.44 2.83 11.31
N VAL A 216 1.19 3.28 11.13
CA VAL A 216 0.34 3.72 12.23
C VAL A 216 -0.85 2.78 12.30
N LEU A 217 -1.11 2.25 13.49
CA LEU A 217 -2.25 1.37 13.72
C LEU A 217 -3.42 2.19 14.23
N ALA A 218 -4.55 2.11 13.56
CA ALA A 218 -5.73 2.90 13.89
C ALA A 218 -6.87 2.00 14.35
N ASP A 219 -7.61 2.47 15.36
CA ASP A 219 -8.74 1.72 15.90
C ASP A 219 -9.99 2.03 15.08
N THR A 220 -10.01 1.48 13.87
CA THR A 220 -11.13 1.61 12.96
C THR A 220 -11.05 0.46 11.97
N PHE A 221 -11.99 0.42 11.03
CA PHE A 221 -12.02 -0.61 10.02
C PHE A 221 -12.18 0.02 8.64
N ASP A 222 -11.86 -0.76 7.61
CA ASP A 222 -11.75 -0.23 6.26
C ASP A 222 -13.09 0.28 5.74
N GLU A 223 -14.17 -0.48 5.98
CA GLU A 223 -15.47 -0.10 5.44
C GLU A 223 -15.95 1.24 5.97
N LEU A 224 -15.46 1.68 7.13
CA LEU A 224 -15.93 2.92 7.72
C LEU A 224 -15.27 4.15 7.10
N GLU A 225 -13.97 4.07 6.81
CA GLU A 225 -13.22 5.21 6.31
C GLU A 225 -12.34 4.81 5.12
N HIS A 226 -12.91 4.06 4.19
CA HIS A 226 -12.12 3.52 3.07
C HIS A 226 -11.46 4.63 2.27
N GLU A 227 -12.23 5.66 1.90
CA GLU A 227 -11.67 6.75 1.11
C GLU A 227 -10.58 7.51 1.86
N ILE A 228 -10.67 7.56 3.19
CA ILE A 228 -9.71 8.34 3.96
C ILE A 228 -8.40 7.57 4.13
N ILE A 229 -8.49 6.26 4.36
CA ILE A 229 -7.28 5.45 4.55
C ILE A 229 -6.43 5.47 3.29
N GLU A 230 -7.07 5.34 2.12
CA GLU A 230 -6.33 5.34 0.87
C GLU A 230 -5.74 6.72 0.57
N GLY A 231 -6.41 7.79 1.01
CA GLY A 231 -5.90 9.12 0.74
C GLY A 231 -4.68 9.48 1.56
N MET A 232 -4.54 8.87 2.74
CA MET A 232 -3.38 9.10 3.59
C MET A 232 -2.20 8.19 3.26
N SER A 233 -2.34 7.33 2.25
CA SER A 233 -1.32 6.31 1.99
C SER A 233 0.03 6.94 1.66
N LYS A 234 0.05 7.88 0.71
CA LYS A 234 1.29 8.53 0.32
C LYS A 234 1.90 9.34 1.45
N PHE A 235 1.10 9.76 2.43
CA PHE A 235 1.62 10.52 3.57
C PHE A 235 2.04 9.62 4.72
N CYS A 236 1.30 8.53 4.96
CA CYS A 236 1.58 7.64 6.09
C CYS A 236 0.85 6.31 5.92
N LYS A 237 1.58 5.20 6.08
CA LYS A 237 0.98 3.89 5.99
C LYS A 237 0.11 3.65 7.23
N VAL A 238 -1.22 3.70 7.06
CA VAL A 238 -2.16 3.54 8.15
C VAL A 238 -2.83 2.17 8.02
N LYS A 239 -2.80 1.39 9.09
CA LYS A 239 -3.34 0.03 9.12
C LYS A 239 -4.50 -0.03 10.09
N THR A 240 -5.68 -0.41 9.58
CA THR A 240 -6.88 -0.49 10.41
C THR A 240 -6.91 -1.82 11.15
N VAL A 241 -7.08 -1.78 12.47
CA VAL A 241 -7.03 -2.97 13.29
C VAL A 241 -8.25 -3.03 14.20
N GLY A 242 -9.19 -2.10 14.00
CA GLY A 242 -10.33 -2.00 14.87
C GLY A 242 -11.61 -2.56 14.24
N PRO A 243 -12.70 -2.61 15.02
CA PRO A 243 -12.81 -2.21 16.43
C PRO A 243 -12.05 -3.13 17.39
N LEU A 244 -11.12 -2.53 18.15
CA LEU A 244 -10.27 -3.32 19.05
C LEU A 244 -11.06 -3.90 20.22
N PHE A 245 -12.11 -3.20 20.66
CA PHE A 245 -12.88 -3.68 21.80
C PHE A 245 -13.67 -4.94 21.47
N LYS A 246 -14.09 -5.11 20.23
CA LYS A 246 -14.92 -6.23 19.84
C LYS A 246 -14.07 -7.49 19.72
N ASN A 247 -14.35 -8.48 20.55
CA ASN A 247 -13.58 -9.72 20.49
C ASN A 247 -13.83 -10.44 19.17
N PRO A 248 -12.81 -11.05 18.58
CA PRO A 248 -13.02 -11.70 17.27
C PRO A 248 -13.88 -12.95 17.35
N LYS A 249 -13.70 -13.76 18.38
CA LYS A 249 -14.44 -15.01 18.52
C LYS A 249 -15.92 -14.74 18.83
N LYS A 261 -17.82 -7.88 34.02
CA LYS A 261 -18.57 -8.33 32.86
C LYS A 261 -20.05 -7.94 32.97
N ALA A 262 -20.72 -8.48 33.98
CA ALA A 262 -22.11 -8.15 34.25
C ALA A 262 -22.20 -7.11 35.36
N ASP A 263 -23.42 -6.63 35.60
CA ASP A 263 -23.69 -5.63 36.62
C ASP A 263 -25.21 -5.57 36.81
N ASP A 264 -25.64 -4.62 37.64
CA ASP A 264 -27.06 -4.35 37.80
C ASP A 264 -27.63 -3.58 36.62
N CYS A 265 -26.79 -3.09 35.72
CA CYS A 265 -27.29 -2.47 34.49
C CYS A 265 -28.00 -3.49 33.61
N LEU A 266 -27.31 -4.59 33.31
CA LEU A 266 -27.90 -5.62 32.45
C LEU A 266 -29.12 -6.25 33.10
N ASP A 267 -29.06 -6.47 34.42
CA ASP A 267 -30.21 -7.04 35.11
C ASP A 267 -31.42 -6.14 35.00
N TRP A 268 -31.22 -4.82 35.00
CA TRP A 268 -32.32 -3.89 34.84
C TRP A 268 -32.81 -3.84 33.41
N LEU A 269 -31.89 -3.89 32.44
CA LEU A 269 -32.28 -3.86 31.04
C LEU A 269 -33.03 -5.12 30.62
N ASP A 270 -32.81 -6.24 31.31
CA ASP A 270 -33.52 -7.48 30.99
C ASP A 270 -35.03 -7.35 31.20
N SER A 271 -35.46 -6.39 32.02
CA SER A 271 -36.88 -6.20 32.31
C SER A 271 -37.57 -5.26 31.35
N LYS A 272 -36.84 -4.61 30.45
CA LYS A 272 -37.41 -3.62 29.55
C LYS A 272 -37.66 -4.21 28.16
N SER A 273 -38.58 -3.59 27.44
CA SER A 273 -38.92 -4.03 26.10
C SER A 273 -37.77 -3.72 25.12
N PRO A 274 -37.63 -4.52 24.07
CA PRO A 274 -36.51 -4.31 23.14
C PRO A 274 -36.62 -2.98 22.40
N GLY A 275 -35.48 -2.29 22.30
CA GLY A 275 -35.42 -1.00 21.64
C GLY A 275 -36.27 0.07 22.29
N SER A 276 -36.21 0.18 23.62
CA SER A 276 -37.03 1.14 24.33
C SER A 276 -36.27 1.93 25.39
N VAL A 277 -35.00 1.63 25.63
CA VAL A 277 -34.20 2.29 26.65
C VAL A 277 -33.22 3.23 25.96
N VAL A 278 -33.12 4.46 26.48
CA VAL A 278 -32.16 5.44 25.99
C VAL A 278 -30.94 5.39 26.90
N TYR A 279 -29.77 5.11 26.32
CA TYR A 279 -28.52 5.08 27.07
C TYR A 279 -27.84 6.46 26.99
N ILE A 280 -27.49 7.01 28.15
CA ILE A 280 -26.89 8.33 28.25
C ILE A 280 -25.52 8.19 28.89
N SER A 281 -24.49 8.66 28.20
CA SER A 281 -23.13 8.66 28.74
C SER A 281 -22.32 9.75 28.05
N PHE A 282 -21.48 10.44 28.83
CA PHE A 282 -20.66 11.52 28.31
C PHE A 282 -19.17 11.23 28.46
N GLY A 283 -18.80 9.97 28.67
CA GLY A 283 -17.42 9.60 28.76
C GLY A 283 -16.86 9.68 30.17
N THR A 284 -15.53 9.76 30.23
CA THR A 284 -14.81 9.76 31.49
C THR A 284 -14.27 11.12 31.88
N ILE A 285 -14.31 12.11 30.98
CA ILE A 285 -13.73 13.42 31.23
C ILE A 285 -14.77 14.53 31.11
N ALA A 286 -15.61 14.48 30.09
CA ALA A 286 -16.51 15.59 29.80
C ALA A 286 -17.54 15.75 30.91
N TYR A 287 -17.71 16.98 31.37
CA TYR A 287 -18.69 17.32 32.40
C TYR A 287 -19.54 18.48 31.89
N ILE A 288 -20.81 18.20 31.59
CA ILE A 288 -21.68 19.20 30.98
C ILE A 288 -22.22 20.15 32.04
N LYS A 289 -22.88 21.22 31.61
CA LYS A 289 -23.37 22.23 32.53
C LYS A 289 -24.56 21.71 33.32
N GLN A 290 -24.73 22.26 34.53
CA GLN A 290 -25.88 21.90 35.36
C GLN A 290 -27.20 22.23 34.68
N GLU A 291 -27.27 23.40 34.04
CA GLU A 291 -28.50 23.79 33.36
C GLU A 291 -28.84 22.81 32.23
N GLN A 292 -27.81 22.27 31.57
CA GLN A 292 -28.05 21.27 30.54
C GLN A 292 -28.52 19.95 31.13
N VAL A 293 -28.05 19.59 32.33
CA VAL A 293 -28.56 18.41 33.01
C VAL A 293 -30.03 18.57 33.34
N GLU A 294 -30.42 19.78 33.74
CA GLU A 294 -31.83 20.04 34.02
C GLU A 294 -32.68 19.86 32.77
N GLU A 295 -32.21 20.37 31.63
CA GLU A 295 -32.98 20.26 30.39
C GLU A 295 -33.03 18.83 29.89
N ILE A 296 -31.97 18.05 30.12
CA ILE A 296 -32.00 16.65 29.71
C ILE A 296 -32.96 15.86 30.58
N ALA A 297 -32.98 16.14 31.89
CA ALA A 297 -33.87 15.43 32.79
C ALA A 297 -35.33 15.69 32.42
N TYR A 298 -35.69 16.96 32.23
CA TYR A 298 -37.05 17.27 31.80
C TYR A 298 -37.36 16.72 30.43
N GLY A 299 -36.34 16.61 29.57
CA GLY A 299 -36.55 15.97 28.28
C GLY A 299 -36.94 14.51 28.42
N LEU A 300 -36.21 13.77 29.26
CA LEU A 300 -36.57 12.36 29.48
C LEU A 300 -37.88 12.23 30.24
N LEU A 301 -38.17 13.16 31.14
CA LEU A 301 -39.38 13.07 31.95
C LEU A 301 -40.63 13.26 31.10
N ASN A 302 -40.66 14.33 30.29
CA ASN A 302 -41.86 14.64 29.53
C ASN A 302 -42.02 13.75 28.30
N SER A 303 -40.92 13.23 27.74
CA SER A 303 -41.03 12.35 26.58
C SER A 303 -41.54 10.96 26.96
N GLY A 304 -41.51 10.61 28.24
CA GLY A 304 -42.03 9.32 28.67
C GLY A 304 -41.18 8.13 28.29
N VAL A 305 -39.92 8.34 27.91
CA VAL A 305 -39.05 7.26 27.47
C VAL A 305 -38.39 6.61 28.68
N SER A 306 -37.91 5.39 28.49
CA SER A 306 -37.07 4.72 29.47
C SER A 306 -35.60 5.01 29.17
N PHE A 307 -34.81 5.18 30.22
CA PHE A 307 -33.43 5.61 30.05
C PHE A 307 -32.53 4.97 31.10
N LEU A 308 -31.25 4.82 30.73
CA LEU A 308 -30.18 4.45 31.64
C LEU A 308 -29.13 5.55 31.56
N TRP A 309 -29.04 6.36 32.62
CA TRP A 309 -28.21 7.56 32.64
C TRP A 309 -26.97 7.30 33.49
N VAL A 310 -25.80 7.45 32.87
CA VAL A 310 -24.53 7.33 33.58
C VAL A 310 -24.10 8.73 34.00
N MET A 311 -24.15 9.00 35.30
CA MET A 311 -23.75 10.29 35.87
C MET A 311 -22.43 10.07 36.60
N LYS A 312 -21.34 10.11 35.83
CA LYS A 312 -20.02 9.80 36.39
C LYS A 312 -19.51 10.97 37.22
N PRO A 313 -19.14 10.74 38.47
CA PRO A 313 -18.59 11.83 39.29
C PRO A 313 -17.28 12.33 38.70
N PRO A 314 -17.09 13.64 38.65
CA PRO A 314 -15.84 14.17 38.08
C PRO A 314 -14.67 13.97 39.03
N ASP A 315 -13.48 13.94 38.44
CA ASP A 315 -12.27 13.87 39.24
C ASP A 315 -12.17 15.11 40.12
N VAL A 316 -11.73 14.92 41.37
CA VAL A 316 -11.79 15.99 42.36
C VAL A 316 -10.81 17.13 42.07
N ALA A 317 -9.91 16.97 41.10
CA ALA A 317 -8.97 18.04 40.79
C ALA A 317 -9.68 19.30 40.34
N PHE A 318 -10.69 19.17 39.49
CA PHE A 318 -11.48 20.32 39.09
C PHE A 318 -12.44 20.70 40.20
N GLY A 319 -12.75 22.00 40.28
CA GLY A 319 -13.71 22.48 41.25
C GLY A 319 -15.13 22.38 40.72
N TYR A 320 -15.48 21.23 40.16
CA TYR A 320 -16.78 21.05 39.53
C TYR A 320 -17.86 20.84 40.58
N ASP A 321 -18.94 21.59 40.49
CA ASP A 321 -20.11 21.32 41.31
C ASP A 321 -20.80 20.06 40.82
N LEU A 322 -21.14 19.19 41.76
CA LEU A 322 -21.79 17.92 41.41
C LEU A 322 -23.15 18.18 40.75
N HIS A 323 -23.42 17.43 39.68
CA HIS A 323 -24.68 17.56 38.96
C HIS A 323 -25.85 17.20 39.87
N VAL A 324 -26.86 18.07 39.90
CA VAL A 324 -28.07 17.86 40.70
C VAL A 324 -29.24 17.65 39.77
N LEU A 325 -30.04 16.63 40.05
CA LEU A 325 -31.27 16.39 39.29
C LEU A 325 -32.39 17.28 39.81
N PRO A 326 -33.38 17.57 38.97
CA PRO A 326 -34.50 18.41 39.42
C PRO A 326 -35.26 17.81 40.58
N ASP A 327 -35.98 18.68 41.30
CA ASP A 327 -36.71 18.27 42.49
C ASP A 327 -37.80 17.26 42.13
N GLY A 328 -37.67 16.05 42.65
CA GLY A 328 -38.68 15.04 42.40
C GLY A 328 -38.61 14.42 41.03
N PHE A 329 -37.50 14.61 40.31
CA PHE A 329 -37.35 14.00 38.99
C PHE A 329 -37.30 12.49 39.10
N MET A 330 -36.40 11.96 39.92
CA MET A 330 -36.31 10.51 40.10
C MET A 330 -37.53 9.92 40.78
N GLU A 331 -38.40 10.75 41.36
CA GLU A 331 -39.65 10.25 41.92
C GLU A 331 -40.75 10.17 40.87
N LYS A 332 -40.93 11.23 40.08
CA LYS A 332 -41.85 11.17 38.95
C LYS A 332 -41.42 10.09 37.97
N ILE A 333 -40.13 9.98 37.70
CA ILE A 333 -39.59 8.83 36.98
C ILE A 333 -39.78 7.59 37.85
N GLY A 334 -40.41 6.57 37.29
CA GLY A 334 -40.66 5.38 38.09
C GLY A 334 -39.56 4.35 37.94
N THR A 335 -39.97 3.10 37.69
CA THR A 335 -39.01 2.06 37.39
C THR A 335 -38.43 2.17 35.98
N ARG A 336 -38.84 3.18 35.21
CA ARG A 336 -38.40 3.32 33.83
C ARG A 336 -37.12 4.12 33.68
N GLY A 337 -36.49 4.54 34.78
CA GLY A 337 -35.25 5.27 34.71
C GLY A 337 -34.25 4.82 35.75
N LYS A 338 -32.98 4.70 35.35
CA LYS A 338 -31.95 4.17 36.24
C LYS A 338 -30.73 5.09 36.18
N ILE A 339 -30.34 5.62 37.34
CA ILE A 339 -29.13 6.43 37.47
C ILE A 339 -28.03 5.55 38.02
N VAL A 340 -26.85 5.59 37.38
CA VAL A 340 -25.66 4.87 37.81
C VAL A 340 -24.46 5.77 37.64
N GLN A 341 -23.32 5.32 38.19
CA GLN A 341 -22.06 6.01 38.02
C GLN A 341 -21.12 5.27 37.08
N TRP A 342 -21.42 4.03 36.72
CA TRP A 342 -20.63 3.25 35.78
C TRP A 342 -21.46 2.05 35.32
N CYS A 343 -21.25 1.64 34.08
CA CYS A 343 -21.89 0.47 33.50
C CYS A 343 -20.96 -0.12 32.47
N PRO A 344 -20.97 -1.44 32.28
CA PRO A 344 -20.23 -2.03 31.15
C PRO A 344 -20.81 -1.57 29.83
N GLN A 345 -20.26 -0.50 29.27
CA GLN A 345 -20.86 0.14 28.11
C GLN A 345 -20.91 -0.80 26.92
N GLU A 346 -19.91 -1.65 26.76
CA GLU A 346 -19.91 -2.60 25.65
C GLU A 346 -21.06 -3.60 25.77
N GLN A 347 -21.36 -4.02 27.00
CA GLN A 347 -22.47 -4.95 27.20
C GLN A 347 -23.82 -4.24 27.18
N VAL A 348 -23.87 -2.99 27.63
CA VAL A 348 -25.12 -2.23 27.57
C VAL A 348 -25.47 -1.89 26.12
N LEU A 349 -24.48 -1.45 25.34
CA LEU A 349 -24.74 -1.11 23.95
C LEU A 349 -25.16 -2.33 23.15
N ALA A 350 -24.75 -3.53 23.55
CA ALA A 350 -25.16 -4.74 22.86
C ALA A 350 -26.50 -5.28 23.35
N HIS A 351 -27.08 -4.71 24.39
CA HIS A 351 -28.35 -5.19 24.90
C HIS A 351 -29.48 -4.86 23.93
N PRO A 352 -30.43 -5.79 23.71
CA PRO A 352 -31.52 -5.50 22.78
C PRO A 352 -32.53 -4.48 23.29
N SER A 353 -32.50 -4.15 24.58
CA SER A 353 -33.44 -3.17 25.13
C SER A 353 -33.05 -1.75 24.81
N VAL A 354 -31.84 -1.51 24.30
CA VAL A 354 -31.36 -0.16 24.05
C VAL A 354 -31.90 0.33 22.72
N ALA A 355 -32.54 1.51 22.74
CA ALA A 355 -33.03 2.14 21.52
C ALA A 355 -31.98 3.05 20.89
N CYS A 356 -31.58 4.09 21.62
CA CYS A 356 -30.54 5.00 21.13
C CYS A 356 -29.47 5.24 22.18
N PHE A 357 -28.57 6.19 21.91
CA PHE A 357 -27.40 6.38 22.75
C PHE A 357 -27.04 7.86 22.72
N LEU A 358 -27.43 8.58 23.77
CA LEU A 358 -27.00 9.96 23.95
C LEU A 358 -25.54 9.97 24.39
N THR A 359 -24.65 10.38 23.49
CA THR A 359 -23.22 10.27 23.73
C THR A 359 -22.52 11.59 23.42
N HIS A 360 -21.39 11.80 24.08
CA HIS A 360 -20.51 12.94 23.81
C HIS A 360 -19.67 12.74 22.56
N CYS A 361 -19.84 11.61 21.85
CA CYS A 361 -19.17 11.31 20.59
C CYS A 361 -17.67 11.12 20.76
N GLY A 362 -17.24 10.62 21.92
CA GLY A 362 -15.89 10.11 22.04
C GLY A 362 -15.67 8.96 21.08
N TRP A 363 -14.43 8.87 20.57
CA TRP A 363 -14.17 7.89 19.51
C TRP A 363 -14.43 6.47 19.97
N ASN A 364 -14.13 6.17 21.24
CA ASN A 364 -14.40 4.83 21.75
C ASN A 364 -15.90 4.57 21.80
N SER A 365 -16.68 5.54 22.27
CA SER A 365 -18.14 5.40 22.25
C SER A 365 -18.68 5.41 20.83
N THR A 366 -18.02 6.14 19.92
CA THR A 366 -18.45 6.16 18.53
C THR A 366 -18.26 4.80 17.87
N VAL A 367 -17.08 4.20 18.05
CA VAL A 367 -16.81 2.88 17.48
C VAL A 367 -17.69 1.83 18.16
N GLU A 368 -17.85 1.92 19.48
CA GLU A 368 -18.67 0.95 20.20
C GLU A 368 -20.12 1.02 19.76
N ALA A 369 -20.63 2.22 19.50
CA ALA A 369 -22.01 2.36 19.05
C ALA A 369 -22.19 1.78 17.65
N LEU A 370 -21.27 2.08 16.73
CA LEU A 370 -21.38 1.57 15.37
C LEU A 370 -21.26 0.05 15.33
N THR A 371 -20.34 -0.51 16.12
CA THR A 371 -20.19 -1.95 16.18
C THR A 371 -21.39 -2.62 16.80
N SER A 372 -22.10 -1.93 17.68
CA SER A 372 -23.27 -2.48 18.35
C SER A 372 -24.58 -2.25 17.59
N GLY A 373 -24.57 -1.36 16.60
CA GLY A 373 -25.77 -1.07 15.84
C GLY A 373 -26.78 -0.20 16.57
N VAL A 374 -26.31 0.79 17.32
CA VAL A 374 -27.16 1.65 18.12
C VAL A 374 -27.10 3.06 17.54
N PRO A 375 -28.21 3.61 17.03
CA PRO A 375 -28.22 5.02 16.64
C PRO A 375 -27.94 5.91 17.83
N VAL A 376 -27.38 7.09 17.56
CA VAL A 376 -26.85 7.96 18.61
C VAL A 376 -27.49 9.34 18.54
N LEU A 377 -27.45 10.04 19.66
CA LEU A 377 -27.80 11.46 19.75
C LEU A 377 -26.52 12.23 20.04
N ALA A 378 -26.03 12.95 19.04
CA ALA A 378 -24.71 13.57 19.13
C ALA A 378 -24.74 14.79 20.02
N TYR A 379 -24.01 14.72 21.14
CA TYR A 379 -23.79 15.87 22.02
C TYR A 379 -22.30 16.03 22.27
N PRO A 380 -21.55 16.47 21.26
CA PRO A 380 -20.10 16.64 21.43
C PRO A 380 -19.79 17.84 22.31
N GLN A 381 -18.53 17.94 22.70
CA GLN A 381 -18.07 19.07 23.51
C GLN A 381 -16.75 19.62 23.02
N TRP A 382 -15.69 18.82 23.05
CA TRP A 382 -14.35 19.28 22.69
C TRP A 382 -13.59 18.15 22.01
N GLY A 383 -12.37 18.48 21.58
CA GLY A 383 -11.50 17.46 21.00
C GLY A 383 -12.03 16.94 19.68
N ASP A 384 -11.82 15.65 19.45
CA ASP A 384 -12.32 14.98 18.25
C ASP A 384 -13.80 14.65 18.35
N GLN A 385 -14.46 15.00 19.45
CA GLN A 385 -15.89 14.75 19.57
C GLN A 385 -16.68 15.53 18.53
N VAL A 386 -16.24 16.77 18.23
CA VAL A 386 -16.98 17.56 17.25
C VAL A 386 -16.76 17.00 15.85
N THR A 387 -15.63 16.36 15.60
CA THR A 387 -15.39 15.72 14.31
C THR A 387 -16.11 14.38 14.21
N ASN A 388 -16.19 13.64 15.31
CA ASN A 388 -16.93 12.38 15.32
C ASN A 388 -18.42 12.64 15.16
N ALA A 389 -18.94 13.67 15.83
CA ALA A 389 -20.36 13.98 15.71
C ALA A 389 -20.74 14.37 14.29
N LYS A 390 -19.82 14.99 13.55
CA LYS A 390 -20.10 15.35 12.17
C LYS A 390 -20.29 14.10 11.31
N PHE A 391 -19.36 13.15 11.43
CA PHE A 391 -19.46 11.91 10.65
C PHE A 391 -20.65 11.06 11.08
N LEU A 392 -20.99 11.07 12.38
CA LEU A 392 -22.12 10.28 12.84
C LEU A 392 -23.43 10.78 12.25
N VAL A 393 -23.58 12.10 12.13
CA VAL A 393 -24.83 12.69 11.67
C VAL A 393 -24.85 12.85 10.15
N ASP A 394 -23.75 13.28 9.54
CA ASP A 394 -23.75 13.66 8.13
C ASP A 394 -23.03 12.69 7.22
N VAL A 395 -22.28 11.72 7.76
CA VAL A 395 -21.55 10.78 6.91
C VAL A 395 -22.07 9.37 7.15
N TYR A 396 -21.96 8.88 8.40
CA TYR A 396 -22.38 7.51 8.69
C TYR A 396 -23.90 7.37 8.75
N GLY A 397 -24.63 8.47 8.84
CA GLY A 397 -26.08 8.43 8.81
C GLY A 397 -26.72 7.63 9.92
N VAL A 398 -26.19 7.73 11.14
CA VAL A 398 -26.70 6.97 12.27
C VAL A 398 -27.07 7.86 13.45
N GLY A 399 -26.85 9.17 13.38
CA GLY A 399 -26.99 10.05 14.52
C GLY A 399 -28.01 11.15 14.32
N VAL A 400 -28.38 11.78 15.44
CA VAL A 400 -29.23 12.97 15.46
C VAL A 400 -28.49 14.05 16.24
N ARG A 401 -28.15 15.14 15.57
CA ARG A 401 -27.36 16.19 16.20
C ARG A 401 -28.16 16.90 17.28
N LEU A 402 -27.54 17.09 18.45
CA LEU A 402 -28.11 17.86 19.54
C LEU A 402 -27.42 19.20 19.75
N CYS A 403 -26.09 19.25 19.65
CA CYS A 403 -25.35 20.50 19.83
C CYS A 403 -24.10 20.43 18.97
N ARG A 404 -23.34 21.53 18.95
CA ARG A 404 -22.14 21.64 18.14
C ARG A 404 -20.86 21.66 18.96
N GLY A 405 -20.96 21.52 20.28
CA GLY A 405 -19.79 21.42 21.13
C GLY A 405 -19.78 22.48 22.21
N GLU A 406 -18.69 22.46 22.99
CA GLU A 406 -18.55 23.38 24.11
C GLU A 406 -18.37 24.82 23.65
N ALA A 407 -17.74 25.02 22.49
CA ALA A 407 -17.55 26.38 21.97
C ALA A 407 -18.86 27.03 21.57
N GLU A 408 -19.89 26.24 21.28
CA GLU A 408 -21.20 26.82 20.98
C GLU A 408 -21.76 27.56 22.19
N ASN A 409 -21.47 27.07 23.40
CA ASN A 409 -21.89 27.72 24.65
C ASN A 409 -23.41 27.90 24.70
N LYS A 410 -24.15 26.86 24.31
CA LYS A 410 -25.60 26.92 24.26
C LYS A 410 -26.19 25.76 25.05
N VAL A 411 -27.13 26.07 25.94
CA VAL A 411 -27.90 25.02 26.60
C VAL A 411 -29.03 24.61 25.67
N ILE A 412 -29.13 23.31 25.40
CA ILE A 412 -30.19 22.78 24.55
C ILE A 412 -31.45 22.64 25.40
N PRO A 413 -32.54 23.33 25.05
CA PRO A 413 -33.74 23.31 25.90
C PRO A 413 -34.41 21.94 25.93
N ARG A 414 -35.38 21.81 26.85
CA ARG A 414 -36.05 20.53 27.05
C ARG A 414 -36.86 20.11 25.83
N ASP A 415 -37.52 21.07 25.17
CA ASP A 415 -38.39 20.69 24.05
C ASP A 415 -37.58 20.17 22.87
N VAL A 416 -36.42 20.78 22.61
CA VAL A 416 -35.56 20.29 21.54
C VAL A 416 -34.99 18.92 21.89
N ILE A 417 -34.62 18.71 23.15
CA ILE A 417 -34.18 17.39 23.59
C ILE A 417 -35.34 16.41 23.48
N GLY A 418 -36.55 16.85 23.82
CA GLY A 418 -37.70 15.97 23.70
C GLY A 418 -37.97 15.55 22.28
N LYS A 419 -37.90 16.49 21.33
CA LYS A 419 -38.16 16.15 19.94
C LYS A 419 -37.12 15.18 19.40
N ALA A 420 -35.87 15.28 19.86
CA ALA A 420 -34.83 14.39 19.38
C ALA A 420 -34.94 13.00 19.99
N LEU A 421 -35.38 12.89 21.24
CA LEU A 421 -35.59 11.59 21.84
C LEU A 421 -36.68 10.82 21.12
N VAL A 422 -37.77 11.50 20.75
CA VAL A 422 -38.84 10.85 20.01
C VAL A 422 -38.41 10.60 18.56
N GLU A 423 -37.57 11.47 17.99
CA GLU A 423 -37.12 11.28 16.62
C GLU A 423 -36.25 10.04 16.48
N ALA A 424 -35.56 9.64 17.55
CA ALA A 424 -34.68 8.47 17.51
C ALA A 424 -35.35 7.21 18.05
N THR A 425 -36.60 7.28 18.47
CA THR A 425 -37.29 6.11 19.03
C THR A 425 -38.49 5.67 18.20
N VAL A 426 -39.40 6.59 17.88
CA VAL A 426 -40.57 6.26 17.07
C VAL A 426 -40.57 7.14 15.83
N GLY A 427 -41.23 6.67 14.79
CA GLY A 427 -41.34 7.40 13.55
C GLY A 427 -40.52 6.75 12.44
N LYS A 428 -40.60 7.38 11.27
CA LYS A 428 -39.93 6.83 10.09
C LYS A 428 -38.41 7.01 10.19
N ARG A 429 -37.95 8.15 10.73
CA ARG A 429 -36.52 8.39 10.81
C ARG A 429 -35.83 7.41 11.75
N ALA A 430 -36.53 6.95 12.79
CA ALA A 430 -35.94 5.98 13.72
C ALA A 430 -35.62 4.67 13.01
N VAL A 431 -36.50 4.23 12.10
CA VAL A 431 -36.27 2.99 11.38
C VAL A 431 -35.09 3.13 10.42
N GLU A 432 -34.92 4.31 9.84
CA GLU A 432 -33.80 4.54 8.92
C GLU A 432 -32.48 4.56 9.67
N LEU A 433 -32.44 5.23 10.82
CA LEU A 433 -31.20 5.27 11.60
C LEU A 433 -30.83 3.88 12.11
N LYS A 434 -31.84 3.10 12.52
CA LYS A 434 -31.57 1.74 12.99
C LYS A 434 -31.10 0.83 11.86
N GLU A 435 -31.63 1.03 10.65
CA GLU A 435 -31.21 0.20 9.51
C GLU A 435 -29.78 0.55 9.09
N ASN A 436 -29.41 1.84 9.15
CA ASN A 436 -28.03 2.20 8.84
C ASN A 436 -27.07 1.70 9.93
N ALA A 437 -27.50 1.76 11.19
CA ALA A 437 -26.67 1.26 12.28
C ALA A 437 -26.51 -0.25 12.21
N THR A 438 -27.54 -0.97 11.74
CA THR A 438 -27.43 -2.41 11.60
C THR A 438 -26.42 -2.77 10.51
N ARG A 439 -26.42 -2.02 9.42
CA ARG A 439 -25.47 -2.27 8.34
C ARG A 439 -24.04 -2.00 8.78
N TRP A 440 -23.83 -0.98 9.62
CA TRP A 440 -22.50 -0.73 10.14
C TRP A 440 -22.07 -1.80 11.14
N LYS A 441 -23.04 -2.45 11.79
CA LYS A 441 -22.71 -3.53 12.72
C LYS A 441 -22.19 -4.75 11.97
N LYS A 442 -22.76 -5.06 10.81
CA LYS A 442 -22.27 -6.18 10.02
C LYS A 442 -20.87 -5.90 9.46
N ALA A 443 -20.58 -4.64 9.12
CA ALA A 443 -19.26 -4.31 8.61
C ALA A 443 -18.21 -4.39 9.72
N ALA A 444 -18.53 -3.87 10.90
CA ALA A 444 -17.57 -3.88 12.00
C ALA A 444 -17.27 -5.31 12.45
N GLU A 445 -18.29 -6.15 12.57
CA GLU A 445 -18.07 -7.51 13.03
C GLU A 445 -17.32 -8.33 12.00
N GLU A 446 -17.56 -8.07 10.71
CA GLU A 446 -16.84 -8.79 9.66
C GLU A 446 -15.36 -8.42 9.65
N ALA A 447 -15.02 -7.18 10.05
CA ALA A 447 -13.65 -6.72 9.94
C ALA A 447 -12.74 -7.41 10.96
N VAL A 448 -13.26 -7.67 12.17
CA VAL A 448 -12.46 -8.31 13.20
C VAL A 448 -12.59 -9.83 13.17
N ALA A 449 -13.50 -10.37 12.37
CA ALA A 449 -13.64 -11.81 12.26
C ALA A 449 -12.42 -12.41 11.55
N GLU A 450 -12.33 -13.74 11.61
CA GLU A 450 -11.25 -14.46 10.93
C GLU A 450 -11.26 -14.15 9.44
N GLY A 451 -10.23 -13.45 8.97
CA GLY A 451 -10.13 -13.08 7.57
C GLY A 451 -10.69 -11.72 7.22
N GLY A 452 -11.19 -10.97 8.20
CA GLY A 452 -11.73 -9.65 7.92
C GLY A 452 -10.63 -8.65 7.61
N SER A 453 -11.07 -7.45 7.21
CA SER A 453 -10.13 -6.42 6.78
C SER A 453 -9.17 -6.03 7.91
N SER A 454 -9.68 -5.94 9.13
CA SER A 454 -8.84 -5.54 10.25
C SER A 454 -7.97 -6.68 10.75
N ASP A 455 -8.53 -7.90 10.80
CA ASP A 455 -7.76 -9.05 11.24
C ASP A 455 -6.62 -9.35 10.27
N ARG A 456 -6.88 -9.22 8.95
CA ARG A 456 -5.82 -9.41 7.98
C ARG A 456 -4.74 -8.35 8.12
N ASN A 457 -5.11 -7.12 8.44
CA ASN A 457 -4.12 -6.07 8.66
C ASN A 457 -3.25 -6.39 9.87
N ILE A 458 -3.82 -6.98 10.91
CA ILE A 458 -3.02 -7.41 12.05
C ILE A 458 -2.04 -8.48 11.63
N GLN A 459 -2.48 -9.42 10.78
CA GLN A 459 -1.58 -10.44 10.26
C GLN A 459 -0.48 -9.82 9.41
N ASP A 460 -0.83 -8.79 8.61
CA ASP A 460 0.18 -8.12 7.80
C ASP A 460 1.16 -7.34 8.67
N PHE A 461 0.71 -6.88 9.84
CA PHE A 461 1.60 -6.17 10.76
C PHE A 461 2.66 -7.11 11.33
N VAL A 462 2.24 -8.26 11.84
CA VAL A 462 3.19 -9.24 12.37
C VAL A 462 4.12 -9.71 11.27
N GLU A 463 3.66 -9.73 10.02
CA GLU A 463 4.49 -10.16 8.90
C GLU A 463 5.62 -9.18 8.65
N GLU A 464 5.32 -7.87 8.62
CA GLU A 464 6.36 -6.88 8.37
C GLU A 464 7.36 -6.81 9.51
N ILE A 465 6.94 -7.11 10.74
CA ILE A 465 7.87 -7.20 11.84
C ILE A 465 8.83 -8.37 11.63
N ARG A 466 8.30 -9.51 11.17
CA ARG A 466 9.17 -10.65 10.87
C ARG A 466 10.06 -10.38 9.67
N LYS A 467 9.57 -9.60 8.71
CA LYS A 467 10.35 -9.28 7.52
C LYS A 467 11.46 -8.28 7.80
N ARG A 468 11.28 -7.42 8.80
CA ARG A 468 12.26 -6.37 9.09
C ARG A 468 13.39 -6.84 9.98
N SER A 469 13.27 -8.01 10.61
CA SER A 469 14.32 -8.52 11.48
C SER A 469 15.48 -9.14 10.70
N GLY A 470 15.26 -9.54 9.45
CA GLY A 470 16.29 -10.15 8.64
C GLY A 470 16.11 -11.65 8.47
N PRO B 6 21.10 7.31 -45.26
CA PRO B 6 21.68 6.15 -45.91
C PRO B 6 22.92 5.67 -45.17
N ILE B 7 23.02 6.06 -43.90
CA ILE B 7 24.19 5.78 -43.08
C ILE B 7 24.07 4.37 -42.49
N HIS B 8 25.20 3.67 -42.42
CA HIS B 8 25.25 2.29 -41.97
C HIS B 8 25.38 2.24 -40.45
N LEU B 9 24.45 1.55 -39.80
CA LEU B 9 24.50 1.29 -38.35
C LEU B 9 24.63 -0.20 -38.11
N PHE B 10 25.58 -0.58 -37.26
CA PHE B 10 25.84 -1.98 -36.95
C PHE B 10 25.24 -2.30 -35.58
N LEU B 11 24.25 -3.17 -35.56
CA LEU B 11 23.58 -3.57 -34.33
C LEU B 11 23.98 -5.00 -33.99
N VAL B 12 24.56 -5.18 -32.80
CA VAL B 12 24.96 -6.49 -32.31
C VAL B 12 24.12 -6.83 -31.10
N CYS B 13 23.65 -8.07 -31.03
CA CYS B 13 22.66 -8.46 -30.04
C CYS B 13 23.02 -9.83 -29.46
N PHE B 14 22.74 -9.99 -28.17
CA PHE B 14 22.93 -11.28 -27.52
C PHE B 14 21.96 -12.30 -28.08
N PRO B 15 22.41 -13.55 -28.31
CA PRO B 15 21.52 -14.56 -28.89
C PRO B 15 20.45 -15.06 -27.93
N ALA B 16 19.32 -14.37 -27.87
CA ALA B 16 18.20 -14.79 -27.03
C ALA B 16 16.93 -14.18 -27.59
N GLN B 17 15.83 -14.92 -27.42
CA GLN B 17 14.54 -14.45 -27.91
C GLN B 17 14.19 -13.08 -27.32
N GLY B 18 14.27 -12.95 -25.99
CA GLY B 18 13.94 -11.70 -25.33
C GLY B 18 14.85 -10.55 -25.67
N HIS B 19 15.99 -10.82 -26.30
CA HIS B 19 16.92 -9.78 -26.72
C HIS B 19 16.89 -9.49 -28.21
N ILE B 20 16.56 -10.49 -29.03
CA ILE B 20 16.59 -10.31 -30.48
C ILE B 20 15.37 -9.51 -30.94
N ASN B 21 14.19 -9.82 -30.41
CA ASN B 21 12.98 -9.12 -30.81
C ASN B 21 13.05 -7.61 -30.53
N PRO B 22 13.41 -7.14 -29.33
CA PRO B 22 13.48 -5.68 -29.15
C PRO B 22 14.60 -5.03 -29.95
N MET B 23 15.69 -5.75 -30.21
CA MET B 23 16.73 -5.22 -31.07
C MET B 23 16.26 -5.15 -32.52
N LEU B 24 15.46 -6.13 -32.95
CA LEU B 24 14.90 -6.08 -34.30
C LEU B 24 13.95 -4.89 -34.45
N ARG B 25 13.18 -4.58 -33.41
CA ARG B 25 12.26 -3.46 -33.49
C ARG B 25 13.02 -2.14 -33.59
N LEU B 26 14.05 -1.97 -32.76
CA LEU B 26 14.91 -0.80 -32.89
C LEU B 26 15.54 -0.74 -34.28
N ALA B 27 15.92 -1.90 -34.83
CA ALA B 27 16.48 -1.94 -36.17
C ALA B 27 15.47 -1.46 -37.20
N LYS B 28 14.20 -1.84 -37.04
CA LYS B 28 13.17 -1.40 -37.96
C LYS B 28 12.88 0.09 -37.81
N ARG B 29 12.76 0.57 -36.57
CA ARG B 29 12.49 1.99 -36.37
C ARG B 29 13.62 2.86 -36.89
N LEU B 30 14.87 2.37 -36.83
CA LEU B 30 15.98 3.13 -37.35
C LEU B 30 16.04 3.07 -38.88
N ALA B 31 15.80 1.89 -39.45
CA ALA B 31 15.87 1.75 -40.90
C ALA B 31 14.79 2.57 -41.58
N ALA B 32 13.60 2.67 -40.97
CA ALA B 32 12.50 3.41 -41.58
C ALA B 32 12.85 4.88 -41.79
N LYS B 33 13.80 5.43 -41.03
CA LYS B 33 14.24 6.80 -41.23
C LYS B 33 15.12 6.97 -42.45
N GLY B 34 15.50 5.89 -43.12
CA GLY B 34 16.30 5.95 -44.32
C GLY B 34 17.74 5.46 -44.17
N LEU B 35 18.04 4.70 -43.13
CA LEU B 35 19.39 4.24 -42.86
C LEU B 35 19.57 2.79 -43.29
N LEU B 36 20.83 2.39 -43.40
CA LEU B 36 21.20 1.00 -43.62
C LEU B 36 21.53 0.37 -42.28
N ILE B 37 20.77 -0.65 -41.89
CA ILE B 37 20.90 -1.27 -40.57
C ILE B 37 21.35 -2.71 -40.75
N THR B 38 22.39 -3.10 -40.00
CA THR B 38 22.87 -4.46 -39.97
C THR B 38 22.56 -5.08 -38.62
N PHE B 39 21.91 -6.24 -38.65
CA PHE B 39 21.59 -6.99 -37.44
C PHE B 39 22.55 -8.17 -37.34
N SER B 40 23.26 -8.26 -36.22
CA SER B 40 24.25 -9.30 -35.99
C SER B 40 23.94 -10.04 -34.70
N THR B 41 24.10 -11.36 -34.76
CA THR B 41 24.04 -12.21 -33.58
C THR B 41 24.74 -13.51 -33.94
N THR B 42 24.69 -14.49 -33.04
CA THR B 42 25.34 -15.75 -33.30
C THR B 42 24.56 -16.56 -34.34
N GLU B 43 25.18 -17.66 -34.80
CA GLU B 43 24.57 -18.46 -35.85
C GLU B 43 23.49 -19.41 -35.32
N HIS B 44 23.66 -19.94 -34.11
CA HIS B 44 22.65 -20.88 -33.60
C HIS B 44 21.33 -20.18 -33.34
N ALA B 45 21.36 -18.87 -33.07
CA ALA B 45 20.15 -18.07 -32.99
C ALA B 45 19.83 -17.33 -34.27
N GLY B 46 20.82 -17.15 -35.16
CA GLY B 46 20.56 -16.49 -36.43
C GLY B 46 19.79 -17.35 -37.40
N LYS B 47 19.82 -18.67 -37.25
CA LYS B 47 19.07 -19.53 -38.16
C LYS B 47 17.58 -19.46 -37.87
N ASP B 48 17.19 -19.21 -36.62
CA ASP B 48 15.77 -19.07 -36.29
C ASP B 48 15.19 -17.81 -36.92
N ILE B 49 15.97 -16.71 -36.94
CA ILE B 49 15.54 -15.52 -37.66
C ILE B 49 15.47 -15.80 -39.15
N ARG B 50 16.24 -16.78 -39.62
CA ARG B 50 16.27 -17.11 -41.03
C ARG B 50 15.00 -17.83 -41.46
N GLN B 51 14.47 -18.71 -40.59
CA GLN B 51 13.33 -19.52 -40.97
C GLN B 51 12.00 -18.78 -40.74
N ALA B 52 11.97 -17.83 -39.80
CA ALA B 52 10.75 -17.07 -39.57
C ALA B 52 10.46 -16.08 -40.69
N ASN B 53 11.45 -15.81 -41.55
CA ASN B 53 11.29 -14.85 -42.63
C ASN B 53 11.61 -15.51 -43.97
N ASN B 54 11.93 -14.70 -44.98
CA ASN B 54 12.33 -15.21 -46.28
C ASN B 54 13.67 -14.63 -46.72
N ILE B 55 14.53 -14.31 -45.75
CA ILE B 55 15.92 -13.96 -46.02
C ILE B 55 16.76 -15.18 -45.73
N ILE B 56 17.61 -15.57 -46.68
CA ILE B 56 18.50 -16.72 -46.52
C ILE B 56 19.97 -16.34 -46.51
N ASP B 57 20.31 -15.09 -46.80
CA ASP B 57 21.70 -14.65 -46.83
C ASP B 57 21.83 -13.29 -46.16
N ASP B 58 22.67 -12.42 -46.72
CA ASP B 58 22.81 -11.05 -46.26
C ASP B 58 22.23 -10.06 -47.27
N GLN B 59 21.06 -10.39 -47.82
CA GLN B 59 20.41 -9.54 -48.80
C GLN B 59 19.85 -8.28 -48.15
N LEU B 60 19.50 -7.31 -48.99
CA LEU B 60 18.95 -6.04 -48.54
C LEU B 60 17.43 -6.10 -48.58
N THR B 61 16.81 -6.11 -47.39
CA THR B 61 15.36 -6.14 -47.29
C THR B 61 14.87 -4.75 -46.93
N PRO B 62 14.07 -4.10 -47.78
CA PRO B 62 13.71 -2.70 -47.53
C PRO B 62 12.73 -2.58 -46.37
N VAL B 63 12.95 -1.58 -45.52
CA VAL B 63 12.09 -1.27 -44.39
C VAL B 63 11.89 0.24 -44.40
N GLY B 64 10.65 0.68 -44.62
CA GLY B 64 10.36 2.09 -44.74
C GLY B 64 11.17 2.81 -45.81
N ASN B 65 11.98 3.78 -45.41
CA ASN B 65 12.85 4.49 -46.33
C ASN B 65 14.27 3.95 -46.33
N GLY B 66 14.56 2.93 -45.54
CA GLY B 66 15.90 2.36 -45.48
C GLY B 66 15.90 0.87 -45.69
N PHE B 67 16.93 0.19 -45.20
CA PHE B 67 17.10 -1.23 -45.47
C PHE B 67 17.68 -1.92 -44.24
N ILE B 68 17.44 -3.23 -44.16
CA ILE B 68 17.94 -4.07 -43.07
C ILE B 68 18.61 -5.30 -43.67
N ARG B 69 19.84 -5.56 -43.26
CA ARG B 69 20.59 -6.73 -43.67
C ARG B 69 21.05 -7.49 -42.44
N PHE B 70 21.27 -8.79 -42.61
CA PHE B 70 21.63 -9.67 -41.51
C PHE B 70 23.03 -10.23 -41.72
N GLU B 71 23.68 -10.57 -40.60
CA GLU B 71 25.09 -10.98 -40.64
C GLU B 71 25.39 -11.66 -39.30
N PHE B 72 25.52 -12.98 -39.32
CA PHE B 72 25.74 -13.76 -38.13
C PHE B 72 27.15 -14.33 -38.13
N PHE B 73 27.68 -14.55 -36.92
CA PHE B 73 29.00 -15.14 -36.72
C PHE B 73 28.85 -16.40 -35.85
N GLU B 74 29.94 -17.16 -35.76
CA GLU B 74 29.94 -18.45 -35.09
C GLU B 74 30.57 -18.37 -33.71
N ASP B 75 30.22 -19.34 -32.86
CA ASP B 75 30.75 -19.44 -31.51
C ASP B 75 31.36 -20.79 -31.21
N ASP B 76 31.62 -21.61 -32.23
CA ASP B 76 32.35 -22.88 -32.17
C ASP B 76 31.62 -23.97 -31.39
N CYS B 77 30.46 -23.69 -30.79
CA CYS B 77 29.76 -24.69 -30.02
C CYS B 77 28.99 -25.63 -30.95
N ILE B 78 28.45 -26.71 -30.37
CA ILE B 78 27.66 -27.66 -31.14
C ILE B 78 26.29 -27.05 -31.41
N GLU B 79 25.48 -27.70 -32.26
CA GLU B 79 24.23 -27.08 -32.71
C GLU B 79 23.21 -26.95 -31.59
N ASP B 80 23.30 -27.80 -30.55
CA ASP B 80 22.41 -27.73 -29.40
C ASP B 80 23.23 -27.99 -28.13
N ASP B 81 24.11 -27.05 -27.81
CA ASP B 81 25.01 -27.20 -26.67
C ASP B 81 24.29 -26.83 -25.38
N PRO B 82 24.25 -27.72 -24.38
CA PRO B 82 23.76 -27.32 -23.06
C PRO B 82 24.63 -26.27 -22.39
N LYS B 83 25.87 -26.11 -22.84
CA LYS B 83 26.75 -25.09 -22.29
C LYS B 83 26.29 -23.68 -22.60
N ARG B 84 25.40 -23.51 -23.58
CA ARG B 84 24.87 -22.19 -23.91
C ARG B 84 24.06 -21.60 -22.76
N ARG B 85 23.39 -22.45 -21.98
CA ARG B 85 22.66 -21.97 -20.81
C ARG B 85 23.60 -21.46 -19.73
N ASP B 86 24.82 -22.01 -19.66
CA ASP B 86 25.80 -21.60 -18.66
C ASP B 86 26.29 -20.20 -18.99
N LEU B 87 25.73 -19.20 -18.30
CA LEU B 87 26.13 -17.80 -18.53
C LEU B 87 27.56 -17.54 -18.07
N ASP B 88 28.13 -18.39 -17.21
CA ASP B 88 29.48 -18.18 -16.73
C ASP B 88 30.52 -18.41 -17.83
N PHE B 89 30.23 -19.33 -18.75
CA PHE B 89 31.13 -19.63 -19.86
C PHE B 89 30.73 -18.90 -21.13
N TYR B 90 29.43 -18.82 -21.43
CA TYR B 90 28.98 -18.32 -22.73
C TYR B 90 29.31 -16.84 -22.91
N VAL B 91 29.19 -16.03 -21.86
CA VAL B 91 29.46 -14.60 -21.99
C VAL B 91 30.90 -14.32 -22.35
N PRO B 92 31.92 -14.89 -21.68
CA PRO B 92 33.29 -14.70 -22.16
C PRO B 92 33.55 -15.39 -23.49
N GLN B 93 32.85 -16.50 -23.78
CA GLN B 93 32.99 -17.15 -25.07
C GLN B 93 32.52 -16.24 -26.21
N LEU B 94 31.41 -15.53 -26.01
CA LEU B 94 30.94 -14.58 -27.01
C LEU B 94 31.89 -13.39 -27.11
N GLU B 95 32.54 -13.01 -26.01
CA GLU B 95 33.59 -12.01 -26.07
C GLU B 95 34.76 -12.51 -26.90
N LEU B 96 35.06 -13.82 -26.83
CA LEU B 96 36.16 -14.37 -27.61
C LEU B 96 35.87 -14.27 -29.11
N LYS B 97 34.83 -14.96 -29.57
CA LYS B 97 34.53 -14.97 -31.00
C LYS B 97 34.01 -13.62 -31.48
N GLY B 98 33.31 -12.88 -30.62
CA GLY B 98 32.77 -11.59 -31.04
C GLY B 98 33.84 -10.53 -31.25
N LYS B 99 34.84 -10.49 -30.36
CA LYS B 99 35.92 -9.53 -30.51
C LYS B 99 36.79 -9.84 -31.73
N GLU B 100 36.75 -11.07 -32.23
CA GLU B 100 37.50 -11.43 -33.42
C GLU B 100 36.69 -11.29 -34.70
N PHE B 101 35.36 -11.27 -34.61
CA PHE B 101 34.51 -11.14 -35.79
C PHE B 101 34.23 -9.69 -36.14
N LEU B 102 34.04 -8.83 -35.13
CA LEU B 102 33.65 -7.45 -35.38
C LEU B 102 34.68 -6.67 -36.18
N PRO B 103 35.96 -6.60 -35.79
CA PRO B 103 36.88 -5.70 -36.50
C PRO B 103 37.11 -6.06 -37.96
N GLU B 104 37.02 -7.34 -38.32
CA GLU B 104 37.27 -7.72 -39.71
C GLU B 104 36.11 -7.30 -40.61
N THR B 105 34.87 -7.61 -40.20
CA THR B 105 33.72 -7.23 -41.02
C THR B 105 33.50 -5.72 -41.05
N ILE B 106 34.00 -4.98 -40.06
CA ILE B 106 33.91 -3.53 -40.11
C ILE B 106 34.84 -2.98 -41.18
N LYS B 107 36.02 -3.59 -41.33
CA LYS B 107 36.94 -3.14 -42.38
C LYS B 107 36.45 -3.55 -43.75
N ARG B 108 35.85 -4.75 -43.86
CA ARG B 108 35.24 -5.15 -45.13
C ARG B 108 34.13 -4.19 -45.53
N HIS B 109 33.32 -3.74 -44.57
CA HIS B 109 32.23 -2.83 -44.89
C HIS B 109 32.76 -1.46 -45.32
N GLU B 110 33.83 -0.99 -44.69
CA GLU B 110 34.41 0.28 -45.07
C GLU B 110 35.05 0.21 -46.46
N LYS B 111 35.60 -0.95 -46.83
CA LYS B 111 36.11 -1.13 -48.18
C LYS B 111 34.98 -1.07 -49.20
N GLU B 112 33.91 -1.81 -48.96
CA GLU B 112 32.77 -1.89 -49.87
C GLU B 112 31.88 -0.65 -49.80
N GLY B 113 32.41 0.49 -49.38
CA GLY B 113 31.66 1.74 -49.47
C GLY B 113 30.53 1.91 -48.47
N ARG B 114 30.36 0.97 -47.54
CA ARG B 114 29.29 1.02 -46.54
C ARG B 114 29.90 1.04 -45.15
N PRO B 115 30.58 2.13 -44.78
CA PRO B 115 31.27 2.15 -43.48
C PRO B 115 30.29 2.34 -42.33
N VAL B 116 30.59 1.67 -41.22
CA VAL B 116 29.73 1.72 -40.04
C VAL B 116 29.98 3.02 -39.29
N PHE B 117 28.91 3.76 -39.01
CA PHE B 117 29.01 5.03 -38.31
C PHE B 117 28.68 4.95 -36.83
N CYS B 118 28.03 3.88 -36.39
CA CYS B 118 27.69 3.74 -34.98
C CYS B 118 27.40 2.28 -34.67
N PHE B 119 27.72 1.88 -33.45
CA PHE B 119 27.41 0.56 -32.94
C PHE B 119 26.24 0.66 -31.98
N VAL B 120 25.42 -0.40 -31.97
CA VAL B 120 24.35 -0.56 -30.98
C VAL B 120 24.49 -1.97 -30.43
N ASN B 121 24.68 -2.07 -29.12
CA ASN B 121 24.96 -3.34 -28.47
C ASN B 121 23.88 -3.65 -27.44
N ASN B 122 24.03 -4.82 -26.82
CA ASN B 122 23.22 -5.42 -25.78
C ASN B 122 24.00 -5.42 -24.45
N PRO B 123 23.32 -5.22 -23.32
CA PRO B 123 24.05 -5.20 -22.04
C PRO B 123 24.73 -6.51 -21.71
N PHE B 124 24.30 -7.62 -22.30
CA PHE B 124 24.93 -8.92 -22.05
C PHE B 124 26.16 -9.17 -22.90
N ILE B 125 26.52 -8.24 -23.79
CA ILE B 125 27.75 -8.34 -24.56
C ILE B 125 28.46 -6.98 -24.51
N PRO B 126 28.97 -6.55 -23.36
CA PRO B 126 29.58 -5.22 -23.26
C PRO B 126 30.91 -5.10 -23.98
N TRP B 127 31.43 -6.18 -24.56
CA TRP B 127 32.68 -6.09 -25.31
C TRP B 127 32.53 -5.29 -26.60
N VAL B 128 31.29 -5.11 -27.09
CA VAL B 128 31.07 -4.31 -28.28
C VAL B 128 31.52 -2.87 -28.04
N CYS B 129 31.34 -2.37 -26.81
CA CYS B 129 31.78 -1.02 -26.49
C CYS B 129 33.30 -0.92 -26.48
N ASP B 130 33.99 -1.99 -26.09
CA ASP B 130 35.44 -2.01 -26.14
C ASP B 130 35.95 -2.03 -27.59
N VAL B 131 35.36 -2.88 -28.42
CA VAL B 131 35.75 -2.95 -29.83
C VAL B 131 35.44 -1.64 -30.54
N ALA B 132 34.32 -1.01 -30.17
CA ALA B 132 33.97 0.29 -30.75
C ALA B 132 35.00 1.34 -30.40
N GLU B 133 35.51 1.32 -29.16
CA GLU B 133 36.53 2.28 -28.76
C GLU B 133 37.82 2.06 -29.53
N ASP B 134 38.19 0.80 -29.77
CA ASP B 134 39.40 0.50 -30.52
C ASP B 134 39.29 0.97 -31.97
N LEU B 135 38.13 0.78 -32.59
CA LEU B 135 37.94 1.17 -33.98
C LEU B 135 37.56 2.63 -34.15
N GLY B 136 37.40 3.38 -33.07
CA GLY B 136 37.03 4.78 -33.18
C GLY B 136 35.65 5.02 -33.73
N ILE B 137 34.70 4.13 -33.45
CA ILE B 137 33.32 4.26 -33.93
C ILE B 137 32.43 4.49 -32.71
N PRO B 138 31.54 5.48 -32.74
CA PRO B 138 30.62 5.68 -31.62
C PRO B 138 29.74 4.45 -31.39
N CYS B 139 29.25 4.32 -30.16
CA CYS B 139 28.48 3.17 -29.76
C CYS B 139 27.35 3.59 -28.83
N ALA B 140 26.20 2.94 -28.97
CA ALA B 140 25.07 3.12 -28.08
C ALA B 140 24.65 1.77 -27.52
N THR B 141 24.02 1.79 -26.35
CA THR B 141 23.61 0.56 -25.68
C THR B 141 22.08 0.54 -25.57
N LEU B 142 21.50 -0.58 -25.97
CA LEU B 142 20.05 -0.76 -25.94
C LEU B 142 19.64 -1.34 -24.59
N TRP B 143 18.64 -0.71 -23.96
CA TRP B 143 18.13 -1.13 -22.66
C TRP B 143 16.67 -1.50 -22.80
N ILE B 144 16.34 -2.76 -22.49
CA ILE B 144 14.97 -3.25 -22.67
C ILE B 144 14.27 -3.42 -21.34
N GLN B 145 14.49 -2.47 -20.43
CA GLN B 145 13.75 -2.41 -19.17
C GLN B 145 13.38 -0.95 -18.92
N SER B 146 12.68 -0.69 -17.83
CA SER B 146 12.32 0.68 -17.51
C SER B 146 13.57 1.49 -17.17
N CYS B 147 13.44 2.82 -17.32
CA CYS B 147 14.50 3.70 -16.87
C CYS B 147 14.66 3.68 -15.36
N ALA B 148 13.61 3.30 -14.63
CA ALA B 148 13.73 3.16 -13.18
C ALA B 148 14.62 1.97 -12.83
N VAL B 149 14.46 0.85 -13.53
CA VAL B 149 15.31 -0.30 -13.28
C VAL B 149 16.75 -0.02 -13.72
N PHE B 150 16.92 0.72 -14.83
CA PHE B 150 18.24 1.16 -15.23
C PHE B 150 18.89 2.01 -14.14
N SER B 151 18.08 2.77 -13.42
CA SER B 151 18.59 3.55 -12.30
C SER B 151 18.96 2.65 -11.14
N CYS B 152 18.20 1.57 -10.91
CA CYS B 152 18.49 0.66 -9.80
C CYS B 152 19.83 -0.04 -10.00
N TYR B 153 20.08 -0.54 -11.21
CA TYR B 153 21.36 -1.20 -11.48
C TYR B 153 22.52 -0.21 -11.47
N TYR B 154 22.28 1.03 -11.91
CA TYR B 154 23.34 2.03 -11.92
C TYR B 154 23.77 2.38 -10.50
N HIS B 155 22.82 2.74 -9.65
CA HIS B 155 23.16 3.13 -8.28
C HIS B 155 23.63 1.94 -7.44
N TYR B 156 23.33 0.72 -7.86
CA TYR B 156 23.90 -0.45 -7.20
C TYR B 156 25.37 -0.61 -7.55
N PHE B 157 25.71 -0.44 -8.84
CA PHE B 157 27.10 -0.60 -9.27
C PHE B 157 27.99 0.49 -8.66
N HIS B 158 27.52 1.73 -8.66
CA HIS B 158 28.29 2.86 -8.15
C HIS B 158 28.13 3.09 -6.65
N LYS B 159 27.38 2.21 -5.96
CA LYS B 159 27.25 2.27 -4.51
C LYS B 159 26.74 3.63 -4.03
N THR B 160 25.74 4.18 -4.74
CA THR B 160 25.18 5.48 -4.38
C THR B 160 24.66 5.46 -2.95
N VAL B 161 23.81 4.50 -2.63
CA VAL B 161 23.27 4.34 -1.29
C VAL B 161 23.50 2.89 -0.87
N PRO B 162 23.37 2.59 0.43
CA PRO B 162 23.48 1.19 0.87
C PRO B 162 22.28 0.36 0.38
N PHE B 163 22.59 -0.74 -0.30
CA PHE B 163 21.62 -1.69 -0.82
C PHE B 163 21.49 -2.88 0.13
N PRO B 164 20.43 -3.68 -0.01
CA PRO B 164 20.30 -4.87 0.86
C PRO B 164 21.52 -5.77 0.73
N SER B 165 22.13 -6.08 1.87
CA SER B 165 23.35 -6.89 1.94
C SER B 165 23.09 -8.12 2.82
N GLU B 166 24.15 -8.93 2.97
CA GLU B 166 24.04 -10.13 3.79
C GLU B 166 23.75 -9.78 5.25
N LEU B 167 24.36 -8.71 5.75
CA LEU B 167 24.16 -8.32 7.14
C LEU B 167 22.91 -7.47 7.34
N ASP B 168 22.40 -6.85 6.27
CA ASP B 168 21.19 -6.03 6.34
C ASP B 168 20.37 -6.25 5.08
N PRO B 169 19.57 -7.32 5.05
CA PRO B 169 18.82 -7.66 3.84
C PRO B 169 17.49 -6.93 3.65
N SER B 170 16.98 -6.26 4.69
CA SER B 170 15.66 -5.64 4.65
C SER B 170 15.71 -4.13 4.60
N VAL B 171 16.86 -3.56 4.24
CA VAL B 171 17.01 -2.11 4.29
C VAL B 171 16.22 -1.46 3.15
N ASP B 172 15.74 -0.24 3.40
CA ASP B 172 15.10 0.57 2.38
C ASP B 172 16.14 1.09 1.39
N VAL B 173 15.68 1.37 0.18
CA VAL B 173 16.51 1.92 -0.88
C VAL B 173 15.80 3.16 -1.43
N GLN B 174 16.38 4.33 -1.20
CA GLN B 174 15.84 5.61 -1.67
C GLN B 174 16.83 6.20 -2.66
N LEU B 175 16.56 6.01 -3.96
CA LEU B 175 17.37 6.53 -5.06
C LEU B 175 16.83 7.88 -5.52
N PRO B 176 17.67 8.74 -6.11
CA PRO B 176 17.19 10.03 -6.57
C PRO B 176 16.20 9.89 -7.72
N ASN B 177 15.20 10.76 -7.73
CA ASN B 177 14.14 10.81 -8.75
C ASN B 177 13.34 9.51 -8.82
N LEU B 178 13.39 8.69 -7.77
CA LEU B 178 12.64 7.45 -7.71
C LEU B 178 11.87 7.38 -6.40
N PRO B 179 10.74 6.68 -6.38
CA PRO B 179 10.01 6.49 -5.11
C PRO B 179 10.78 5.58 -4.17
N LEU B 180 10.37 5.60 -2.91
CA LEU B 180 10.93 4.70 -1.92
C LEU B 180 10.67 3.25 -2.33
N LEU B 181 11.74 2.48 -2.43
CA LEU B 181 11.65 1.06 -2.79
C LEU B 181 12.05 0.21 -1.60
N GLU B 182 11.20 -0.75 -1.26
CA GLU B 182 11.49 -1.68 -0.18
C GLU B 182 12.48 -2.74 -0.66
N TYR B 183 12.88 -3.63 0.25
CA TYR B 183 13.94 -4.58 -0.06
C TYR B 183 13.54 -5.56 -1.17
N ASP B 184 12.24 -5.86 -1.29
CA ASP B 184 11.77 -6.80 -2.31
C ASP B 184 11.20 -6.09 -3.52
N GLU B 185 11.47 -4.79 -3.69
CA GLU B 185 10.97 -4.02 -4.82
C GLU B 185 12.05 -3.58 -5.79
N ILE B 186 13.32 -3.63 -5.40
CA ILE B 186 14.43 -3.45 -6.33
C ILE B 186 14.52 -4.72 -7.15
N PRO B 187 15.09 -4.69 -8.37
CA PRO B 187 15.21 -5.93 -9.16
C PRO B 187 15.76 -7.09 -8.35
N SER B 188 14.97 -8.17 -8.26
CA SER B 188 15.25 -9.25 -7.32
C SER B 188 16.61 -9.89 -7.54
N PHE B 189 17.16 -9.80 -8.76
CA PHE B 189 18.48 -10.36 -9.03
C PHE B 189 19.55 -9.75 -8.14
N LEU B 190 19.34 -8.53 -7.65
CA LEU B 190 20.32 -7.83 -6.84
C LEU B 190 20.23 -8.14 -5.35
N HIS B 191 19.18 -8.83 -4.92
CA HIS B 191 19.00 -9.13 -3.51
C HIS B 191 19.94 -10.25 -3.09
N PRO B 192 20.48 -10.17 -1.87
CA PRO B 192 21.43 -11.21 -1.41
C PRO B 192 20.85 -12.61 -1.36
N SER B 193 19.56 -12.75 -1.05
CA SER B 193 18.94 -14.06 -0.94
C SER B 193 18.32 -14.54 -2.24
N SER B 194 18.78 -14.03 -3.38
CA SER B 194 18.20 -14.38 -4.68
C SER B 194 18.92 -15.57 -5.29
N PRO B 195 18.18 -16.51 -5.87
CA PRO B 195 18.80 -17.64 -6.57
C PRO B 195 19.24 -17.34 -8.00
N TYR B 196 19.19 -16.08 -8.43
CA TYR B 196 19.53 -15.70 -9.80
C TYR B 196 20.58 -14.61 -9.82
N LYS B 197 21.50 -14.62 -8.84
CA LYS B 197 22.51 -13.59 -8.76
C LYS B 197 23.44 -13.58 -9.97
N ILE B 198 23.58 -14.71 -10.66
CA ILE B 198 24.41 -14.72 -11.87
C ILE B 198 23.83 -13.82 -12.93
N LEU B 199 22.50 -13.69 -13.00
CA LEU B 199 21.90 -12.77 -13.95
C LEU B 199 22.18 -11.32 -13.56
N GLY B 200 22.12 -11.00 -12.27
CA GLY B 200 22.44 -9.66 -11.82
C GLY B 200 23.88 -9.27 -12.12
N THR B 201 24.81 -10.22 -11.93
CA THR B 201 26.20 -9.96 -12.29
C THR B 201 26.37 -9.76 -13.78
N ALA B 202 25.52 -10.39 -14.59
CA ALA B 202 25.61 -10.24 -16.04
C ALA B 202 25.20 -8.83 -16.47
N ILE B 203 24.10 -8.32 -15.92
CA ILE B 203 23.65 -6.98 -16.28
C ILE B 203 24.62 -5.92 -15.78
N LEU B 204 25.23 -6.15 -14.61
CA LEU B 204 26.15 -5.16 -14.05
C LEU B 204 27.44 -5.04 -14.86
N GLY B 205 27.78 -6.05 -15.66
CA GLY B 205 29.00 -5.98 -16.44
C GLY B 205 29.03 -4.84 -17.44
N GLN B 206 27.86 -4.43 -17.93
CA GLN B 206 27.80 -3.31 -18.86
C GLN B 206 28.12 -1.98 -18.17
N PHE B 207 27.89 -1.89 -16.87
CA PHE B 207 28.16 -0.65 -16.16
C PHE B 207 29.64 -0.43 -15.90
N LYS B 208 30.46 -1.49 -15.92
CA LYS B 208 31.90 -1.31 -15.99
C LYS B 208 32.33 -0.64 -17.28
N ASN B 209 31.50 -0.75 -18.33
CA ASN B 209 31.84 -0.31 -19.67
C ASN B 209 31.04 0.90 -20.13
N LEU B 210 30.03 1.33 -19.37
CA LEU B 210 29.02 2.26 -19.86
C LEU B 210 29.60 3.59 -20.32
N SER B 211 30.81 3.94 -19.87
CA SER B 211 31.42 5.20 -20.28
C SER B 211 31.72 5.22 -21.78
N LYS B 212 31.96 4.06 -22.37
CA LYS B 212 32.30 3.98 -23.78
C LYS B 212 31.09 4.07 -24.69
N SER B 213 29.88 4.20 -24.15
CA SER B 213 28.68 4.42 -24.93
C SER B 213 28.18 5.83 -24.67
N PHE B 214 28.12 6.65 -25.73
CA PHE B 214 27.77 8.05 -25.55
C PHE B 214 26.32 8.25 -25.13
N CYS B 215 25.46 7.27 -25.38
CA CYS B 215 24.06 7.38 -24.97
C CYS B 215 23.49 5.98 -24.80
N VAL B 216 22.35 5.91 -24.14
CA VAL B 216 21.65 4.65 -23.90
C VAL B 216 20.23 4.80 -24.42
N LEU B 217 19.78 3.82 -25.20
CA LEU B 217 18.43 3.81 -25.77
C LEU B 217 17.57 2.89 -24.92
N ALA B 218 16.51 3.44 -24.35
CA ALA B 218 15.63 2.68 -23.46
C ALA B 218 14.28 2.47 -24.12
N ASP B 219 13.69 1.31 -23.87
CA ASP B 219 12.39 0.95 -24.44
C ASP B 219 11.27 1.47 -23.53
N THR B 220 11.16 2.79 -23.51
CA THR B 220 10.13 3.50 -22.76
C THR B 220 9.88 4.84 -23.44
N PHE B 221 9.00 5.65 -22.86
CA PHE B 221 8.72 6.98 -23.39
C PHE B 221 8.81 8.01 -22.27
N ASP B 222 9.00 9.27 -22.68
CA ASP B 222 9.34 10.33 -21.74
C ASP B 222 8.20 10.60 -20.76
N GLU B 223 6.95 10.58 -21.22
CA GLU B 223 5.84 10.89 -20.33
C GLU B 223 5.70 9.89 -19.19
N LEU B 224 6.18 8.66 -19.37
CA LEU B 224 6.02 7.63 -18.35
C LEU B 224 7.01 7.79 -17.19
N GLU B 225 8.26 8.12 -17.50
CA GLU B 225 9.31 8.17 -16.49
C GLU B 225 10.07 9.48 -16.55
N HIS B 226 9.35 10.58 -16.76
CA HIS B 226 9.99 11.87 -17.00
C HIS B 226 10.96 12.24 -15.90
N GLU B 227 10.54 12.13 -14.63
CA GLU B 227 11.40 12.53 -13.52
C GLU B 227 12.67 11.68 -13.46
N ILE B 228 12.57 10.40 -13.81
CA ILE B 228 13.74 9.53 -13.76
C ILE B 228 14.67 9.82 -14.94
N ILE B 229 14.10 10.11 -16.11
CA ILE B 229 14.93 10.40 -17.29
C ILE B 229 15.72 11.68 -17.08
N GLU B 230 15.08 12.74 -16.56
CA GLU B 230 15.81 13.97 -16.27
C GLU B 230 16.87 13.75 -15.22
N GLY B 231 16.59 12.90 -14.23
CA GLY B 231 17.56 12.64 -13.19
C GLY B 231 18.78 11.90 -13.70
N MET B 232 18.59 10.99 -14.65
CA MET B 232 19.70 10.23 -15.21
C MET B 232 20.53 11.03 -16.21
N SER B 233 20.14 12.28 -16.51
CA SER B 233 20.85 13.07 -17.52
C SER B 233 22.33 13.21 -17.17
N LYS B 234 22.64 13.52 -15.91
CA LYS B 234 24.03 13.73 -15.54
C LYS B 234 24.80 12.42 -15.49
N PHE B 235 24.15 11.34 -15.05
CA PHE B 235 24.84 10.06 -14.95
C PHE B 235 25.05 9.43 -16.33
N CYS B 236 24.02 9.45 -17.18
CA CYS B 236 24.09 8.75 -18.46
C CYS B 236 23.01 9.28 -19.39
N LYS B 237 23.43 9.85 -20.53
CA LYS B 237 22.48 10.36 -21.52
C LYS B 237 21.56 9.24 -22.01
N VAL B 238 20.31 9.25 -21.55
CA VAL B 238 19.35 8.20 -21.87
C VAL B 238 18.33 8.78 -22.84
N LYS B 239 18.16 8.13 -23.98
CA LYS B 239 17.21 8.53 -25.00
C LYS B 239 16.12 7.47 -25.12
N THR B 240 14.88 7.86 -24.87
CA THR B 240 13.76 6.94 -24.88
C THR B 240 13.21 6.81 -26.30
N VAL B 241 13.08 5.57 -26.78
CA VAL B 241 12.69 5.32 -28.16
C VAL B 241 11.50 4.38 -28.21
N GLY B 242 10.87 4.13 -27.08
CA GLY B 242 9.78 3.19 -27.00
C GLY B 242 8.42 3.86 -26.95
N PRO B 243 7.35 3.06 -26.89
CA PRO B 243 7.33 1.59 -26.98
C PRO B 243 7.76 1.06 -28.34
N LEU B 244 8.76 0.17 -28.33
CA LEU B 244 9.35 -0.30 -29.58
C LEU B 244 8.44 -1.26 -30.34
N PHE B 245 7.44 -1.83 -29.67
CA PHE B 245 6.55 -2.78 -30.34
C PHE B 245 5.45 -2.09 -31.13
N LYS B 246 5.09 -0.86 -30.74
CA LYS B 246 3.99 -0.14 -31.37
C LYS B 246 4.48 0.49 -32.67
N ASN B 247 3.83 0.14 -33.77
CA ASN B 247 4.14 0.74 -35.05
C ASN B 247 3.60 2.17 -35.11
N PRO B 248 4.39 3.16 -35.49
CA PRO B 248 3.94 4.55 -35.40
C PRO B 248 2.77 4.87 -36.33
N LYS B 249 2.65 4.17 -37.45
CA LYS B 249 1.59 4.46 -38.42
C LYS B 249 0.22 4.03 -37.89
N LYS B 261 -0.55 -13.16 -37.22
CA LYS B 261 -1.37 -12.00 -36.85
C LYS B 261 -2.72 -12.45 -36.30
N ALA B 262 -3.59 -12.94 -37.19
CA ALA B 262 -4.92 -13.39 -36.79
C ALA B 262 -4.85 -14.78 -36.18
N ASP B 263 -5.62 -14.99 -35.11
CA ASP B 263 -5.60 -16.25 -34.38
C ASP B 263 -7.01 -16.55 -33.87
N ASP B 264 -7.17 -17.73 -33.30
CA ASP B 264 -8.43 -18.09 -32.66
C ASP B 264 -8.60 -17.44 -31.29
N CYS B 265 -7.54 -16.88 -30.70
CA CYS B 265 -7.71 -16.07 -29.51
C CYS B 265 -8.62 -14.88 -29.79
N LEU B 266 -8.35 -14.17 -30.89
CA LEU B 266 -9.16 -13.01 -31.24
C LEU B 266 -10.58 -13.41 -31.62
N ASP B 267 -10.73 -14.52 -32.35
CA ASP B 267 -12.06 -14.96 -32.76
C ASP B 267 -12.95 -15.27 -31.57
N TRP B 268 -12.36 -15.76 -30.47
CA TRP B 268 -13.13 -16.00 -29.27
C TRP B 268 -13.41 -14.72 -28.49
N LEU B 269 -12.54 -13.72 -28.60
CA LEU B 269 -12.77 -12.45 -27.93
C LEU B 269 -13.85 -11.62 -28.62
N ASP B 270 -14.04 -11.82 -29.94
CA ASP B 270 -15.06 -11.05 -30.66
C ASP B 270 -16.46 -11.37 -30.16
N SER B 271 -16.67 -12.56 -29.60
CA SER B 271 -17.98 -13.01 -29.15
C SER B 271 -18.27 -12.63 -27.70
N LYS B 272 -17.55 -11.66 -27.15
CA LYS B 272 -17.72 -11.28 -25.75
C LYS B 272 -18.09 -9.81 -25.65
N SER B 273 -18.63 -9.43 -24.50
CA SER B 273 -18.98 -8.05 -24.24
C SER B 273 -17.72 -7.21 -24.02
N PRO B 274 -17.76 -5.93 -24.36
CA PRO B 274 -16.56 -5.08 -24.15
C PRO B 274 -16.24 -4.94 -22.66
N GLY B 275 -14.95 -5.00 -22.36
CA GLY B 275 -14.48 -4.85 -20.99
C GLY B 275 -15.00 -5.94 -20.06
N SER B 276 -14.91 -7.20 -20.51
CA SER B 276 -15.46 -8.31 -19.76
C SER B 276 -14.51 -9.50 -19.61
N VAL B 277 -13.42 -9.55 -20.37
CA VAL B 277 -12.51 -10.68 -20.34
C VAL B 277 -11.28 -10.31 -19.51
N VAL B 278 -10.79 -11.27 -18.74
CA VAL B 278 -9.58 -11.12 -17.94
C VAL B 278 -8.49 -11.93 -18.61
N TYR B 279 -7.54 -11.24 -19.25
CA TYR B 279 -6.41 -11.91 -19.87
C TYR B 279 -5.39 -12.28 -18.81
N ILE B 280 -4.94 -13.53 -18.83
CA ILE B 280 -3.99 -14.06 -17.85
C ILE B 280 -2.78 -14.61 -18.60
N SER B 281 -1.58 -14.19 -18.18
CA SER B 281 -0.36 -14.65 -18.81
C SER B 281 0.81 -14.37 -17.86
N PHE B 282 1.78 -15.28 -17.84
CA PHE B 282 2.95 -15.15 -16.98
C PHE B 282 4.24 -15.15 -17.78
N GLY B 283 4.16 -14.75 -19.05
CA GLY B 283 5.35 -14.66 -19.88
C GLY B 283 5.82 -16.01 -20.39
N THR B 284 7.04 -16.00 -20.91
CA THR B 284 7.62 -17.18 -21.52
C THR B 284 8.46 -18.03 -20.56
N ILE B 285 8.83 -17.48 -19.40
CA ILE B 285 9.76 -18.13 -18.49
C ILE B 285 9.09 -18.46 -17.15
N ALA B 286 8.41 -17.48 -16.57
CA ALA B 286 7.85 -17.66 -15.22
C ALA B 286 6.82 -18.78 -15.20
N TYR B 287 7.01 -19.71 -14.25
CA TYR B 287 6.10 -20.85 -14.07
C TYR B 287 5.72 -20.90 -12.59
N ILE B 288 4.51 -20.45 -12.27
CA ILE B 288 4.08 -20.33 -10.88
C ILE B 288 3.80 -21.71 -10.29
N LYS B 289 3.48 -21.73 -9.00
CA LYS B 289 3.28 -23.00 -8.29
C LYS B 289 1.99 -23.68 -8.74
N GLN B 290 1.95 -24.99 -8.54
CA GLN B 290 0.75 -25.76 -8.83
C GLN B 290 -0.40 -25.37 -7.91
N GLU B 291 -0.08 -25.03 -6.65
CA GLU B 291 -1.13 -24.61 -5.71
C GLU B 291 -1.70 -23.26 -6.09
N GLN B 292 -0.88 -22.36 -6.62
CA GLN B 292 -1.38 -21.04 -7.00
C GLN B 292 -2.30 -21.12 -8.22
N VAL B 293 -2.00 -22.04 -9.16
CA VAL B 293 -2.86 -22.24 -10.30
C VAL B 293 -4.25 -22.68 -9.86
N GLU B 294 -4.32 -23.54 -8.84
CA GLU B 294 -5.60 -23.98 -8.32
C GLU B 294 -6.39 -22.83 -7.72
N GLU B 295 -5.71 -21.97 -6.94
CA GLU B 295 -6.40 -20.86 -6.31
C GLU B 295 -6.84 -19.80 -7.32
N ILE B 296 -6.14 -19.72 -8.46
CA ILE B 296 -6.56 -18.82 -9.52
C ILE B 296 -7.81 -19.35 -10.22
N ALA B 297 -7.82 -20.65 -10.53
CA ALA B 297 -8.96 -21.26 -11.20
C ALA B 297 -10.23 -21.13 -10.35
N TYR B 298 -10.13 -21.49 -9.07
CA TYR B 298 -11.28 -21.38 -8.19
C TYR B 298 -11.68 -19.92 -7.98
N GLY B 299 -10.70 -19.01 -8.00
CA GLY B 299 -11.03 -17.60 -7.90
C GLY B 299 -11.80 -17.08 -9.10
N LEU B 300 -11.38 -17.51 -10.30
CA LEU B 300 -12.12 -17.14 -11.51
C LEU B 300 -13.52 -17.74 -11.51
N LEU B 301 -13.67 -18.95 -10.98
CA LEU B 301 -14.97 -19.60 -10.96
C LEU B 301 -15.93 -18.88 -10.02
N ASN B 302 -15.49 -18.59 -8.80
CA ASN B 302 -16.35 -17.96 -7.81
C ASN B 302 -16.60 -16.48 -8.08
N SER B 303 -15.88 -15.89 -9.04
CA SER B 303 -16.08 -14.49 -9.38
C SER B 303 -16.99 -14.30 -10.59
N GLY B 304 -17.18 -15.33 -11.41
CA GLY B 304 -18.11 -15.26 -12.51
C GLY B 304 -17.71 -14.33 -13.63
N VAL B 305 -16.41 -14.20 -13.90
CA VAL B 305 -15.93 -13.31 -14.94
C VAL B 305 -15.44 -14.15 -16.13
N SER B 306 -15.34 -13.51 -17.28
CA SER B 306 -14.76 -14.15 -18.45
C SER B 306 -13.24 -14.02 -18.40
N PHE B 307 -12.55 -15.05 -18.85
CA PHE B 307 -11.09 -15.05 -18.75
C PHE B 307 -10.49 -15.83 -19.91
N LEU B 308 -9.39 -15.30 -20.45
CA LEU B 308 -8.53 -15.99 -21.41
C LEU B 308 -7.22 -16.26 -20.70
N TRP B 309 -6.91 -17.54 -20.50
CA TRP B 309 -5.77 -17.95 -19.68
C TRP B 309 -4.72 -18.60 -20.58
N VAL B 310 -3.57 -17.96 -20.68
CA VAL B 310 -2.42 -18.55 -21.37
C VAL B 310 -1.68 -19.45 -20.38
N MET B 311 -1.56 -20.72 -20.72
CA MET B 311 -0.85 -21.70 -19.89
C MET B 311 0.25 -22.31 -20.74
N LYS B 312 1.37 -21.60 -20.82
CA LYS B 312 2.48 -22.05 -21.65
C LYS B 312 3.19 -23.22 -20.99
N PRO B 313 3.42 -24.32 -21.70
CA PRO B 313 4.21 -25.42 -21.13
C PRO B 313 5.63 -24.97 -20.87
N PRO B 314 6.24 -25.42 -19.77
CA PRO B 314 7.59 -24.97 -19.44
C PRO B 314 8.63 -25.65 -20.31
N ASP B 315 9.79 -24.98 -20.41
CA ASP B 315 10.90 -25.54 -21.18
C ASP B 315 11.38 -26.83 -20.53
N VAL B 316 11.66 -27.84 -21.38
CA VAL B 316 11.98 -29.18 -20.89
C VAL B 316 13.28 -29.24 -20.11
N ALA B 317 14.09 -28.17 -20.12
CA ALA B 317 15.33 -28.18 -19.35
C ALA B 317 15.04 -28.27 -17.85
N PHE B 318 14.14 -27.43 -17.35
CA PHE B 318 13.76 -27.52 -15.95
C PHE B 318 12.97 -28.81 -15.71
N GLY B 319 12.97 -29.25 -14.45
CA GLY B 319 12.21 -30.40 -14.06
C GLY B 319 10.85 -30.03 -13.49
N TYR B 320 10.15 -29.14 -14.16
CA TYR B 320 8.86 -28.67 -13.69
C TYR B 320 7.77 -29.70 -13.92
N ASP B 321 6.80 -29.71 -13.01
CA ASP B 321 5.57 -30.49 -13.20
C ASP B 321 4.58 -29.64 -13.98
N LEU B 322 3.95 -30.24 -14.99
CA LEU B 322 3.00 -29.52 -15.81
C LEU B 322 1.83 -29.04 -14.98
N HIS B 323 1.36 -27.83 -15.26
CA HIS B 323 0.23 -27.26 -14.53
C HIS B 323 -1.03 -28.07 -14.82
N VAL B 324 -1.74 -28.44 -13.77
CA VAL B 324 -2.94 -29.25 -13.87
C VAL B 324 -4.12 -28.43 -13.34
N LEU B 325 -5.05 -28.09 -14.22
CA LEU B 325 -6.26 -27.41 -13.81
C LEU B 325 -7.09 -28.34 -12.93
N PRO B 326 -7.92 -27.78 -12.04
CA PRO B 326 -8.76 -28.63 -11.19
C PRO B 326 -9.67 -29.53 -12.03
N ASP B 327 -10.06 -30.65 -11.43
CA ASP B 327 -10.85 -31.64 -12.16
C ASP B 327 -12.22 -31.10 -12.51
N GLY B 328 -12.60 -31.22 -13.78
CA GLY B 328 -13.89 -30.72 -14.23
C GLY B 328 -14.05 -29.22 -14.11
N PHE B 329 -12.94 -28.47 -14.18
CA PHE B 329 -13.01 -27.02 -14.00
C PHE B 329 -13.45 -26.32 -15.27
N MET B 330 -12.91 -26.72 -16.43
CA MET B 330 -13.31 -26.12 -17.70
C MET B 330 -14.66 -26.62 -18.18
N GLU B 331 -15.33 -27.47 -17.43
CA GLU B 331 -16.69 -27.90 -17.75
C GLU B 331 -17.74 -27.07 -17.01
N LYS B 332 -17.54 -26.83 -15.72
CA LYS B 332 -18.40 -25.89 -15.00
C LYS B 332 -18.34 -24.51 -15.62
N ILE B 333 -17.15 -24.09 -16.05
CA ILE B 333 -16.98 -22.87 -16.84
C ILE B 333 -16.98 -23.31 -18.29
N GLY B 334 -18.17 -23.35 -18.89
CA GLY B 334 -18.28 -23.73 -20.29
C GLY B 334 -17.76 -22.62 -21.17
N THR B 335 -18.66 -21.78 -21.68
CA THR B 335 -18.22 -20.52 -22.23
C THR B 335 -17.73 -19.61 -21.10
N ARG B 336 -17.20 -18.45 -21.48
CA ARG B 336 -16.56 -17.44 -20.64
C ARG B 336 -15.16 -17.86 -20.20
N GLY B 337 -14.71 -19.06 -20.54
CA GLY B 337 -13.36 -19.48 -20.24
C GLY B 337 -12.68 -20.07 -21.45
N LYS B 338 -11.36 -19.89 -21.52
CA LYS B 338 -10.55 -20.43 -22.60
C LYS B 338 -9.13 -20.66 -22.11
N ILE B 339 -8.56 -21.82 -22.46
CA ILE B 339 -7.19 -22.18 -22.12
C ILE B 339 -6.41 -22.33 -23.42
N VAL B 340 -5.24 -21.69 -23.48
CA VAL B 340 -4.39 -21.70 -24.65
C VAL B 340 -2.95 -21.89 -24.20
N GLN B 341 -2.05 -22.02 -25.18
CA GLN B 341 -0.60 -22.04 -24.92
C GLN B 341 0.10 -20.79 -25.42
N TRP B 342 -0.46 -20.12 -26.43
CA TRP B 342 0.08 -18.89 -26.96
C TRP B 342 -1.06 -18.06 -27.53
N CYS B 343 -1.08 -16.77 -27.23
CA CYS B 343 -2.02 -15.84 -27.82
C CYS B 343 -1.27 -14.64 -28.35
N PRO B 344 -1.70 -14.06 -29.47
CA PRO B 344 -1.09 -12.80 -29.92
C PRO B 344 -1.35 -11.69 -28.91
N GLN B 345 -0.38 -11.45 -28.03
CA GLN B 345 -0.63 -10.61 -26.87
C GLN B 345 -0.95 -9.17 -27.27
N GLU B 346 -0.18 -8.60 -28.21
CA GLU B 346 -0.40 -7.20 -28.58
C GLU B 346 -1.80 -6.98 -29.13
N GLN B 347 -2.31 -7.94 -29.90
CA GLN B 347 -3.67 -7.83 -30.44
C GLN B 347 -4.72 -8.20 -29.42
N VAL B 348 -4.41 -9.10 -28.49
CA VAL B 348 -5.36 -9.45 -27.43
C VAL B 348 -5.55 -8.26 -26.50
N LEU B 349 -4.45 -7.61 -26.09
CA LEU B 349 -4.58 -6.46 -25.20
C LEU B 349 -5.32 -5.31 -25.87
N ALA B 350 -5.20 -5.17 -27.18
CA ALA B 350 -5.89 -4.12 -27.91
C ALA B 350 -7.38 -4.42 -28.12
N HIS B 351 -7.81 -5.65 -27.86
CA HIS B 351 -9.19 -6.02 -28.10
C HIS B 351 -10.11 -5.31 -27.10
N PRO B 352 -11.21 -4.71 -27.54
CA PRO B 352 -12.08 -3.98 -26.59
C PRO B 352 -12.78 -4.87 -25.59
N SER B 353 -12.81 -6.19 -25.81
CA SER B 353 -13.46 -7.09 -24.87
C SER B 353 -12.64 -7.31 -23.60
N VAL B 354 -11.35 -7.00 -23.64
CA VAL B 354 -10.48 -7.27 -22.49
C VAL B 354 -10.75 -6.23 -21.40
N ALA B 355 -10.91 -6.69 -20.17
CA ALA B 355 -11.14 -5.78 -19.04
C ALA B 355 -9.86 -5.44 -18.31
N CYS B 356 -9.11 -6.45 -17.87
CA CYS B 356 -7.84 -6.24 -17.18
C CYS B 356 -6.85 -7.32 -17.61
N PHE B 357 -5.65 -7.27 -17.04
CA PHE B 357 -4.53 -8.12 -17.43
C PHE B 357 -3.83 -8.63 -16.18
N LEU B 358 -3.96 -9.93 -15.91
CA LEU B 358 -3.25 -10.57 -14.80
C LEU B 358 -1.87 -10.98 -15.32
N THR B 359 -0.88 -10.13 -15.10
CA THR B 359 0.44 -10.29 -15.69
C THR B 359 1.49 -10.56 -14.63
N HIS B 360 2.59 -11.18 -15.05
CA HIS B 360 3.76 -11.36 -14.20
C HIS B 360 4.59 -10.07 -14.10
N CYS B 361 4.19 -9.02 -14.82
CA CYS B 361 4.82 -7.70 -14.76
C CYS B 361 6.22 -7.70 -15.37
N GLY B 362 6.45 -8.54 -16.37
CA GLY B 362 7.61 -8.34 -17.23
C GLY B 362 7.53 -7.01 -17.95
N TRP B 363 8.69 -6.50 -18.36
CA TRP B 363 8.71 -5.15 -18.91
C TRP B 363 7.97 -5.08 -20.24
N ASN B 364 8.05 -6.14 -21.05
CA ASN B 364 7.30 -6.16 -22.30
C ASN B 364 5.80 -6.19 -22.04
N SER B 365 5.37 -7.04 -21.09
CA SER B 365 3.96 -7.06 -20.73
C SER B 365 3.53 -5.79 -20.02
N THR B 366 4.48 -5.10 -19.37
CA THR B 366 4.17 -3.83 -18.72
C THR B 366 3.92 -2.73 -19.74
N VAL B 367 4.86 -2.58 -20.69
CA VAL B 367 4.71 -1.54 -21.72
C VAL B 367 3.51 -1.83 -22.60
N GLU B 368 3.28 -3.11 -22.94
CA GLU B 368 2.13 -3.46 -23.76
C GLU B 368 0.82 -3.15 -23.06
N ALA B 369 0.79 -3.25 -21.73
CA ALA B 369 -0.43 -2.92 -20.99
C ALA B 369 -0.66 -1.42 -20.95
N LEU B 370 0.40 -0.63 -20.75
CA LEU B 370 0.23 0.82 -20.70
C LEU B 370 -0.10 1.38 -22.07
N THR B 371 0.50 0.82 -23.13
CA THR B 371 0.22 1.29 -24.47
C THR B 371 -1.18 0.92 -24.91
N SER B 372 -1.69 -0.24 -24.47
CA SER B 372 -3.03 -0.68 -24.83
C SER B 372 -4.11 -0.14 -23.93
N GLY B 373 -3.75 0.53 -22.84
CA GLY B 373 -4.75 1.05 -21.92
C GLY B 373 -5.52 -0.01 -21.16
N VAL B 374 -4.82 -1.03 -20.67
CA VAL B 374 -5.44 -2.15 -19.98
C VAL B 374 -4.94 -2.16 -18.54
N PRO B 375 -5.81 -1.99 -17.55
CA PRO B 375 -5.37 -2.13 -16.15
C PRO B 375 -4.84 -3.53 -15.89
N VAL B 376 -4.02 -3.64 -14.85
CA VAL B 376 -3.31 -4.89 -14.60
C VAL B 376 -3.56 -5.36 -13.17
N LEU B 377 -3.44 -6.66 -12.98
CA LEU B 377 -3.35 -7.28 -11.65
C LEU B 377 -1.92 -7.78 -11.49
N ALA B 378 -1.15 -7.12 -10.63
CA ALA B 378 0.28 -7.35 -10.55
C ALA B 378 0.56 -8.66 -9.79
N TYR B 379 1.14 -9.63 -10.47
CA TYR B 379 1.63 -10.85 -9.84
C TYR B 379 3.09 -11.08 -10.24
N PRO B 380 4.00 -10.28 -9.67
CA PRO B 380 5.41 -10.42 -10.05
C PRO B 380 6.03 -11.69 -9.45
N GLN B 381 7.24 -12.00 -9.91
CA GLN B 381 7.93 -13.18 -9.43
C GLN B 381 9.39 -12.89 -9.10
N TRP B 382 10.16 -12.44 -10.09
CA TRP B 382 11.59 -12.22 -9.91
C TRP B 382 12.05 -11.17 -10.92
N GLY B 383 13.32 -10.78 -10.79
CA GLY B 383 13.89 -9.82 -11.73
C GLY B 383 13.29 -8.43 -11.55
N ASP B 384 13.11 -7.74 -12.66
CA ASP B 384 12.52 -6.39 -12.63
C ASP B 384 11.01 -6.41 -12.47
N GLN B 385 10.39 -7.60 -12.42
CA GLN B 385 8.94 -7.68 -12.31
C GLN B 385 8.44 -7.05 -11.02
N VAL B 386 9.17 -7.23 -9.92
CA VAL B 386 8.78 -6.62 -8.66
C VAL B 386 8.88 -5.10 -8.75
N THR B 387 9.86 -4.59 -9.49
CA THR B 387 9.97 -3.15 -9.68
C THR B 387 8.85 -2.63 -10.58
N ASN B 388 8.57 -3.34 -11.67
CA ASN B 388 7.47 -2.95 -12.56
C ASN B 388 6.13 -3.01 -11.85
N ALA B 389 5.93 -4.03 -10.99
CA ALA B 389 4.67 -4.13 -10.26
C ALA B 389 4.52 -2.96 -9.28
N LYS B 390 5.61 -2.54 -8.64
CA LYS B 390 5.55 -1.40 -7.74
C LYS B 390 5.15 -0.14 -8.48
N PHE B 391 5.70 0.07 -9.68
CA PHE B 391 5.36 1.26 -10.46
C PHE B 391 3.98 1.15 -11.08
N LEU B 392 3.52 -0.05 -11.42
CA LEU B 392 2.22 -0.20 -12.04
C LEU B 392 1.09 0.18 -11.07
N VAL B 393 1.25 -0.16 -9.80
CA VAL B 393 0.20 0.05 -8.80
C VAL B 393 0.32 1.42 -8.14
N ASP B 394 1.52 1.77 -7.66
CA ASP B 394 1.68 2.93 -6.79
C ASP B 394 2.11 4.20 -7.52
N VAL B 395 2.59 4.11 -8.76
CA VAL B 395 3.08 5.27 -9.51
C VAL B 395 2.22 5.55 -10.73
N TYR B 396 2.11 4.60 -11.65
CA TYR B 396 1.32 4.81 -12.86
C TYR B 396 -0.17 4.71 -12.58
N GLY B 397 -0.57 4.05 -11.51
CA GLY B 397 -1.97 4.00 -11.11
C GLY B 397 -2.88 3.21 -12.02
N VAL B 398 -2.44 2.03 -12.46
CA VAL B 398 -3.25 1.20 -13.35
C VAL B 398 -3.29 -0.23 -12.82
N GLY B 399 -2.69 -0.46 -11.66
CA GLY B 399 -2.45 -1.80 -11.18
C GLY B 399 -3.09 -2.09 -9.83
N VAL B 400 -3.43 -3.36 -9.63
CA VAL B 400 -3.91 -3.88 -8.36
C VAL B 400 -2.95 -5.01 -7.95
N ARG B 401 -2.41 -4.91 -6.74
CA ARG B 401 -1.37 -5.84 -6.32
C ARG B 401 -1.97 -7.17 -5.87
N LEU B 402 -1.35 -8.26 -6.30
CA LEU B 402 -1.73 -9.61 -5.90
C LEU B 402 -0.68 -10.29 -5.04
N CYS B 403 0.60 -10.11 -5.35
CA CYS B 403 1.67 -10.72 -4.57
C CYS B 403 2.90 -9.83 -4.67
N ARG B 404 3.91 -10.16 -3.86
CA ARG B 404 5.13 -9.37 -3.79
C ARG B 404 6.32 -10.07 -4.45
N GLY B 405 6.12 -11.24 -5.04
CA GLY B 405 7.16 -11.93 -5.77
C GLY B 405 7.37 -13.34 -5.27
N GLU B 406 8.25 -14.05 -5.99
CA GLU B 406 8.52 -15.44 -5.64
C GLU B 406 9.19 -15.58 -4.28
N ALA B 407 10.06 -14.64 -3.93
CA ALA B 407 10.77 -14.70 -2.65
C ALA B 407 9.82 -14.61 -1.46
N GLU B 408 8.63 -14.00 -1.66
CA GLU B 408 7.67 -13.93 -0.56
C GLU B 408 7.20 -15.30 -0.13
N ASN B 409 7.19 -16.26 -1.07
CA ASN B 409 6.77 -17.64 -0.81
C ASN B 409 5.38 -17.69 -0.18
N LYS B 410 4.40 -17.20 -0.95
CA LYS B 410 3.03 -17.16 -0.50
C LYS B 410 2.10 -17.54 -1.64
N VAL B 411 1.06 -18.31 -1.32
CA VAL B 411 0.02 -18.66 -2.28
C VAL B 411 -1.18 -17.78 -2.01
N ILE B 412 -1.56 -16.97 -2.99
CA ILE B 412 -2.71 -16.07 -2.84
C ILE B 412 -3.99 -16.89 -2.88
N PRO B 413 -4.85 -16.80 -1.86
CA PRO B 413 -6.04 -17.66 -1.83
C PRO B 413 -7.06 -17.24 -2.86
N ARG B 414 -8.05 -18.12 -3.07
CA ARG B 414 -9.04 -17.90 -4.11
C ARG B 414 -9.95 -16.72 -3.81
N ASP B 415 -10.19 -16.44 -2.52
CA ASP B 415 -11.09 -15.34 -2.17
C ASP B 415 -10.44 -13.99 -2.40
N VAL B 416 -9.14 -13.88 -2.13
CA VAL B 416 -8.43 -12.62 -2.39
C VAL B 416 -8.31 -12.39 -3.89
N ILE B 417 -8.01 -13.45 -4.65
CA ILE B 417 -7.96 -13.34 -6.10
C ILE B 417 -9.32 -12.94 -6.66
N GLY B 418 -10.39 -13.57 -6.17
CA GLY B 418 -11.72 -13.23 -6.63
C GLY B 418 -12.10 -11.80 -6.28
N LYS B 419 -11.73 -11.35 -5.08
CA LYS B 419 -12.03 -9.97 -4.68
C LYS B 419 -11.23 -8.96 -5.50
N ALA B 420 -10.01 -9.31 -5.89
CA ALA B 420 -9.23 -8.42 -6.74
C ALA B 420 -9.74 -8.41 -8.17
N LEU B 421 -10.28 -9.55 -8.64
CA LEU B 421 -10.86 -9.60 -9.97
C LEU B 421 -12.06 -8.65 -10.09
N VAL B 422 -12.94 -8.68 -9.10
CA VAL B 422 -14.07 -7.75 -9.09
C VAL B 422 -13.56 -6.32 -8.90
N GLU B 423 -12.55 -6.14 -8.04
CA GLU B 423 -12.03 -4.80 -7.75
C GLU B 423 -11.42 -4.13 -8.98
N ALA B 424 -11.01 -4.90 -9.99
CA ALA B 424 -10.41 -4.34 -11.19
C ALA B 424 -11.34 -4.34 -12.39
N THR B 425 -12.50 -4.98 -12.29
CA THR B 425 -13.46 -5.05 -13.39
C THR B 425 -14.64 -4.10 -13.21
N VAL B 426 -15.26 -4.11 -12.03
CA VAL B 426 -16.39 -3.24 -11.74
C VAL B 426 -16.08 -2.47 -10.45
N GLY B 427 -16.72 -1.31 -10.32
CA GLY B 427 -16.58 -0.49 -9.14
C GLY B 427 -15.93 0.85 -9.45
N LYS B 428 -15.71 1.61 -8.38
CA LYS B 428 -15.13 2.94 -8.54
C LYS B 428 -13.66 2.87 -8.93
N ARG B 429 -12.89 2.00 -8.27
CA ARG B 429 -11.46 1.91 -8.60
C ARG B 429 -11.26 1.30 -9.98
N ALA B 430 -12.09 0.32 -10.35
CA ALA B 430 -11.99 -0.28 -11.68
C ALA B 430 -12.12 0.77 -12.77
N VAL B 431 -13.04 1.73 -12.59
CA VAL B 431 -13.19 2.80 -13.56
C VAL B 431 -12.12 3.86 -13.39
N GLU B 432 -11.47 3.93 -12.23
CA GLU B 432 -10.36 4.86 -12.05
C GLU B 432 -9.07 4.30 -12.64
N LEU B 433 -8.87 2.98 -12.54
CA LEU B 433 -7.73 2.36 -13.21
C LEU B 433 -7.88 2.43 -14.71
N LYS B 434 -9.12 2.49 -15.22
CA LYS B 434 -9.32 2.53 -16.66
C LYS B 434 -8.93 3.88 -17.23
N GLU B 435 -9.29 4.97 -16.55
CA GLU B 435 -8.95 6.31 -17.04
C GLU B 435 -7.44 6.49 -17.07
N ASN B 436 -6.75 6.10 -16.00
CA ASN B 436 -5.29 6.19 -15.98
C ASN B 436 -4.68 5.34 -17.09
N ALA B 437 -5.21 4.15 -17.31
CA ALA B 437 -4.73 3.31 -18.40
C ALA B 437 -4.98 3.96 -19.76
N THR B 438 -6.14 4.62 -19.90
CA THR B 438 -6.42 5.35 -21.14
C THR B 438 -5.49 6.56 -21.28
N ARG B 439 -5.17 7.21 -20.16
CA ARG B 439 -4.25 8.34 -20.20
C ARG B 439 -2.87 7.91 -20.71
N TRP B 440 -2.35 6.80 -20.19
CA TRP B 440 -1.04 6.33 -20.64
C TRP B 440 -1.09 5.85 -22.08
N LYS B 441 -2.22 5.32 -22.53
CA LYS B 441 -2.34 4.86 -23.91
C LYS B 441 -2.20 6.01 -24.88
N LYS B 442 -2.81 7.16 -24.58
CA LYS B 442 -2.66 8.34 -25.44
C LYS B 442 -1.21 8.83 -25.45
N ALA B 443 -0.54 8.82 -24.30
CA ALA B 443 0.84 9.28 -24.24
C ALA B 443 1.77 8.34 -25.00
N ALA B 444 1.52 7.04 -24.92
CA ALA B 444 2.37 6.08 -25.63
C ALA B 444 2.21 6.20 -27.14
N GLU B 445 0.97 6.34 -27.62
CA GLU B 445 0.75 6.50 -29.06
C GLU B 445 1.30 7.83 -29.55
N GLU B 446 1.14 8.90 -28.77
CA GLU B 446 1.69 10.19 -29.14
C GLU B 446 3.21 10.17 -29.17
N ALA B 447 3.84 9.36 -28.31
CA ALA B 447 5.29 9.35 -28.22
C ALA B 447 5.92 8.76 -29.49
N VAL B 448 5.39 7.64 -29.96
CA VAL B 448 5.99 6.97 -31.12
C VAL B 448 5.56 7.59 -32.44
N ALA B 449 4.45 8.31 -32.47
CA ALA B 449 4.00 8.94 -33.70
C ALA B 449 4.95 10.04 -34.12
N GLU B 450 4.81 10.49 -35.38
CA GLU B 450 5.68 11.52 -35.93
C GLU B 450 5.57 12.80 -35.11
N GLY B 451 6.71 13.26 -34.59
CA GLY B 451 6.76 14.45 -33.77
C GLY B 451 6.70 14.19 -32.27
N GLY B 452 6.38 12.98 -31.86
CA GLY B 452 6.32 12.64 -30.46
C GLY B 452 7.69 12.54 -29.82
N SER B 453 7.67 12.32 -28.50
CA SER B 453 8.92 12.30 -27.74
C SER B 453 9.86 11.19 -28.20
N SER B 454 9.31 9.99 -28.43
CA SER B 454 10.15 8.88 -28.88
C SER B 454 10.67 9.12 -30.29
N ASP B 455 9.82 9.64 -31.17
CA ASP B 455 10.25 9.90 -32.54
C ASP B 455 11.31 10.99 -32.60
N ARG B 456 11.16 12.05 -31.80
CA ARG B 456 12.18 13.09 -31.75
C ARG B 456 13.48 12.59 -31.17
N ASN B 457 13.43 11.64 -30.23
CA ASN B 457 14.65 11.10 -29.66
C ASN B 457 15.40 10.24 -30.68
N ILE B 458 14.66 9.50 -31.51
CA ILE B 458 15.31 8.76 -32.59
C ILE B 458 15.91 9.73 -33.60
N GLN B 459 15.21 10.85 -33.85
CA GLN B 459 15.75 11.86 -34.76
C GLN B 459 17.07 12.42 -34.23
N ASP B 460 17.12 12.74 -32.94
CA ASP B 460 18.36 13.24 -32.34
C ASP B 460 19.46 12.18 -32.40
N PHE B 461 19.16 10.95 -31.98
CA PHE B 461 20.13 9.87 -31.96
C PHE B 461 20.85 9.76 -33.30
N VAL B 462 20.10 9.81 -34.40
CA VAL B 462 20.73 9.77 -35.72
C VAL B 462 21.57 11.01 -35.95
N GLU B 463 21.08 12.17 -35.51
CA GLU B 463 21.79 13.42 -35.76
C GLU B 463 23.14 13.45 -35.06
N GLU B 464 23.22 12.96 -33.82
CA GLU B 464 24.50 12.94 -33.13
C GLU B 464 25.48 11.98 -33.78
N ILE B 465 24.98 10.91 -34.41
CA ILE B 465 25.86 10.02 -35.16
C ILE B 465 26.40 10.73 -36.39
N ARG B 466 25.57 11.56 -37.04
CA ARG B 466 26.03 12.34 -38.18
C ARG B 466 27.17 13.28 -37.79
N LYS B 467 27.03 13.93 -36.63
CA LYS B 467 28.00 14.92 -36.17
C LYS B 467 29.24 14.29 -35.55
N ARG B 468 29.29 12.97 -35.42
CA ARG B 468 30.47 12.28 -34.89
C ARG B 468 31.30 11.61 -35.98
N SER B 469 30.98 11.84 -37.25
CA SER B 469 31.74 11.31 -38.36
C SER B 469 32.42 12.40 -39.17
N GLY B 470 32.49 13.61 -38.63
CA GLY B 470 33.11 14.73 -39.32
C GLY B 470 32.14 15.87 -39.60
N1 UDP C . -17.26 3.72 29.49
C2 UDP C . -17.76 2.61 30.13
N3 UDP C . -18.72 2.87 31.08
C4 UDP C . -19.24 4.10 31.41
C5 UDP C . -18.67 5.21 30.68
C6 UDP C . -17.72 4.98 29.76
O2 UDP C . -17.36 1.47 29.91
O4 UDP C . -20.12 4.19 32.27
C1' UDP C . -16.21 3.48 28.47
C2' UDP C . -16.73 3.42 27.04
O2' UDP C . -17.14 2.09 26.73
C3' UDP C . -15.49 3.83 26.25
C4' UDP C . -14.81 4.84 27.19
O4' UDP C . -15.30 4.55 28.52
O3' UDP C . -14.65 2.73 25.97
C5' UDP C . -15.05 6.28 26.86
O5' UDP C . -14.07 6.71 25.89
PA UDP C . -14.45 7.73 24.75
O1A UDP C . -15.81 7.40 24.15
O2A UDP C . -13.29 7.78 23.81
O3A UDP C . -14.60 9.11 25.49
PB UDP C . -13.53 9.69 26.51
O1B UDP C . -14.12 9.33 27.87
O2B UDP C . -13.60 11.19 26.27
O3B UDP C . -12.18 9.09 26.26
N1 UDP D . 3.96 -12.92 -25.42
C2 UDP D . 3.05 -13.12 -26.44
N3 UDP D . 2.15 -14.13 -26.24
C4 UDP D . 2.07 -14.95 -25.12
C5 UDP D . 3.05 -14.69 -24.11
C6 UDP D . 3.94 -13.70 -24.28
O2 UDP D . 3.03 -12.43 -27.46
O4 UDP D . 1.20 -15.83 -25.07
C1' UDP D . 4.95 -11.84 -25.58
C2' UDP D . 4.50 -10.53 -24.93
O2' UDP D . 3.70 -9.77 -25.83
C3' UDP D . 5.86 -9.88 -24.69
C4' UDP D . 6.73 -11.07 -24.28
O4' UDP D . 6.14 -12.22 -24.92
O3' UDP D . 6.35 -9.26 -25.88
C5' UDP D . 6.84 -11.30 -22.79
O5' UDP D . 7.95 -10.54 -22.27
PA UDP D . 7.97 -10.01 -20.78
O1A UDP D . 6.62 -9.43 -20.39
O2A UDP D . 9.15 -9.13 -20.65
O3A UDP D . 8.17 -11.33 -19.89
PB UDP D . 9.37 -12.35 -20.03
O1B UDP D . 9.78 -12.60 -18.58
O2B UDP D . 8.70 -13.60 -20.59
O3B UDP D . 10.47 -11.80 -20.90
#